data_5W5K
#
_entry.id   5W5K
#
_cell.length_a   101.290
_cell.length_b   170.940
_cell.length_c   151.370
_cell.angle_alpha   90.00
_cell.angle_beta   90.00
_cell.angle_gamma   90.00
#
_symmetry.space_group_name_H-M   'C 2 2 21'
#
loop_
_entity.id
_entity.type
_entity.pdbx_description
1 polymer 'Histone deacetylase 6'
2 non-polymer 'ZINC ION'
3 non-polymer 'POTASSIUM ION'
4 non-polymer 10-{[4-(hydroxycarbamoyl)phenyl]methyl}-5lambda~4~-pyrido[3,2-b][1,4]benzothiazin-10-ium
5 water water
#
_entity_poly.entity_id   1
_entity_poly.type   'polypeptide(L)'
_entity_poly.pdbx_seq_one_letter_code
;SNAGGSSPITGLVYDQRMMLHHNMWDSHHPELPQRISRIFSRHEELRLLSRCHRIPARLATEEELALCHSSKHISIIKSS
EHMKPRDLNRLGDEYNSIFISNESYTCALLAAGSCFNSAQAILTGQVRNAVAIVRPPGHHAEKDTACGFCFFNTAALTAR
YAQSITRESLRVLIVDWDVHHGNGTQHIFEEDDSVLYISLHRYEDGAFFPNSEDANYDKVGLGKGRGYNVNIPWNGGKMG
DPEYMAAFHHLVMPIAREFAPELVLVSAGFDAARGDPLGGFQVTPEGYAHLTHQLMSLAAGRVLIILEGGYNLTSISESM
SMCTSMLLGDSPPSLDHLTPLKTSATVSINNVLRAHAPFWSSLR
;
_entity_poly.pdbx_strand_id   A,B,C
#
loop_
_chem_comp.id
_chem_comp.type
_chem_comp.name
_chem_comp.formula
K non-polymer 'POTASSIUM ION' 'K 1'
K70 non-polymer 10-{[4-(hydroxycarbamoyl)phenyl]methyl}-5lambda~4~-pyrido[3,2-b][1,4]benzothiazin-10-ium 'C19 H16 N3 O2 S 1'
ZN non-polymer 'ZINC ION' 'Zn 2'
#
# COMPACT_ATOMS: atom_id res chain seq x y z
N ALA A 3 -27.99 -7.93 52.39
CA ALA A 3 -29.23 -8.67 52.38
C ALA A 3 -30.21 -8.07 51.38
N GLY A 4 -30.95 -8.94 50.69
CA GLY A 4 -31.89 -8.51 49.67
C GLY A 4 -31.27 -8.08 48.37
N GLY A 5 -29.97 -8.29 48.20
CA GLY A 5 -29.26 -7.84 47.01
C GLY A 5 -28.82 -6.39 47.11
N SER A 6 -27.89 -6.02 46.23
CA SER A 6 -27.31 -4.69 46.17
C SER A 6 -26.80 -4.50 44.76
N SER A 7 -26.57 -3.24 44.38
CA SER A 7 -26.07 -3.01 43.02
C SER A 7 -24.65 -3.55 42.95
N PRO A 8 -24.25 -4.18 41.85
CA PRO A 8 -22.89 -4.71 41.78
C PRO A 8 -21.84 -3.61 41.77
N ILE A 9 -20.64 -4.00 42.18
CA ILE A 9 -19.52 -3.09 42.35
C ILE A 9 -18.49 -3.42 41.28
N THR A 10 -17.87 -2.39 40.70
CA THR A 10 -16.77 -2.60 39.79
C THR A 10 -15.49 -2.19 40.52
N GLY A 11 -14.49 -3.06 40.46
CA GLY A 11 -13.20 -2.70 41.02
C GLY A 11 -12.27 -2.12 40.00
N LEU A 12 -11.29 -1.37 40.50
CA LEU A 12 -10.25 -0.79 39.68
C LEU A 12 -8.98 -0.82 40.49
N VAL A 13 -7.90 -1.32 39.91
CA VAL A 13 -6.58 -1.27 40.51
C VAL A 13 -5.64 -0.49 39.60
N TYR A 14 -4.88 0.42 40.19
CA TYR A 14 -3.88 1.21 39.49
C TYR A 14 -2.89 1.70 40.53
N ASP A 15 -1.61 1.53 40.25
CA ASP A 15 -0.58 1.99 41.17
C ASP A 15 0.58 2.63 40.41
N GLN A 16 0.94 3.84 40.84
CA GLN A 16 1.94 4.65 40.19
C GLN A 16 3.33 4.02 40.25
N ARG A 17 3.56 3.09 41.18
CA ARG A 17 4.85 2.43 41.26
C ARG A 17 5.17 1.63 40.00
N MET A 18 4.15 1.13 39.30
CA MET A 18 4.40 0.33 38.11
C MET A 18 4.93 1.18 36.95
N MET A 19 4.94 2.51 37.09
CA MET A 19 5.57 3.38 36.12
C MET A 19 7.09 3.34 36.20
N LEU A 20 7.66 2.75 37.25
CA LEU A 20 9.10 2.86 37.46
C LEU A 20 9.90 2.02 36.48
N HIS A 21 9.30 0.93 35.98
CA HIS A 21 9.93 0.13 34.93
C HIS A 21 10.06 0.97 33.66
N HIS A 22 11.27 1.05 33.12
CA HIS A 22 11.51 1.91 31.97
C HIS A 22 12.73 1.42 31.21
N ASN A 23 12.85 1.91 29.96
CA ASN A 23 13.98 1.60 29.09
C ASN A 23 15.03 2.71 29.20
N MET A 24 16.14 2.43 29.89
CA MET A 24 17.08 3.54 30.11
C MET A 24 17.87 3.91 28.85
N TRP A 25 17.86 3.07 27.81
CA TRP A 25 18.57 3.37 26.57
C TRP A 25 17.68 4.02 25.53
N ASP A 26 16.36 3.86 25.65
CA ASP A 26 15.44 4.32 24.61
C ASP A 26 14.19 4.76 25.35
N SER A 27 14.12 6.06 25.65
CA SER A 27 12.98 6.64 26.35
C SER A 27 11.72 6.72 25.48
N HIS A 28 11.82 6.40 24.20
CA HIS A 28 10.71 6.38 23.27
C HIS A 28 10.26 4.97 22.91
N HIS A 29 10.68 3.97 23.69
CA HIS A 29 10.19 2.61 23.51
C HIS A 29 8.68 2.59 23.69
N PRO A 30 7.94 1.85 22.84
CA PRO A 30 6.47 1.94 22.85
C PRO A 30 5.84 1.50 24.16
N GLU A 31 6.52 0.67 24.95
CA GLU A 31 5.97 0.18 26.21
C GLU A 31 6.31 1.20 27.30
N LEU A 32 5.59 2.33 27.24
CA LEU A 32 5.87 3.56 27.97
C LEU A 32 5.27 3.50 29.37
N PRO A 33 5.96 4.08 30.35
CA PRO A 33 5.34 4.28 31.67
C PRO A 33 3.99 5.00 31.62
N GLN A 34 3.87 5.99 30.74
CA GLN A 34 2.65 6.81 30.61
C GLN A 34 1.43 6.03 30.18
N ARG A 35 1.59 4.81 29.65
CA ARG A 35 0.45 4.00 29.24
C ARG A 35 -0.57 3.85 30.37
N ILE A 36 -0.11 3.50 31.58
CA ILE A 36 -1.06 3.27 32.65
C ILE A 36 -1.58 4.58 33.23
N SER A 37 -0.71 5.58 33.36
CA SER A 37 -1.13 6.86 33.92
C SER A 37 -2.07 7.61 32.98
N ARG A 38 -1.88 7.46 31.67
CA ARG A 38 -2.80 8.09 30.72
C ARG A 38 -4.18 7.44 30.77
N ILE A 39 -4.22 6.10 30.88
CA ILE A 39 -5.51 5.42 31.01
C ILE A 39 -6.20 5.86 32.29
N PHE A 40 -5.45 5.87 33.40
CA PHE A 40 -6.00 6.28 34.68
C PHE A 40 -6.51 7.72 34.62
N SER A 41 -5.75 8.61 33.98
CA SER A 41 -6.17 10.00 33.85
C SER A 41 -7.46 10.12 33.04
N ARG A 42 -7.61 9.28 32.01
CA ARG A 42 -8.83 9.31 31.22
C ARG A 42 -10.04 8.85 32.03
N HIS A 43 -9.84 7.91 32.95
CA HIS A 43 -10.91 7.49 33.85
C HIS A 43 -11.37 8.63 34.74
N GLU A 44 -10.44 9.50 35.16
CA GLU A 44 -10.81 10.68 35.95
C GLU A 44 -11.62 11.68 35.13
N GLU A 45 -11.18 11.97 33.90
CA GLU A 45 -11.88 12.94 33.06
C GLU A 45 -13.32 12.53 32.78
N LEU A 46 -13.56 11.25 32.55
CA LEU A 46 -14.87 10.72 32.24
C LEU A 46 -15.71 10.41 33.48
N ARG A 47 -15.21 10.75 34.67
CA ARG A 47 -15.94 10.59 35.93
C ARG A 47 -16.26 9.13 36.20
N LEU A 48 -15.38 8.24 35.73
CA LEU A 48 -15.50 6.80 35.98
C LEU A 48 -14.82 6.38 37.27
N LEU A 49 -13.71 7.03 37.64
CA LEU A 49 -12.90 6.59 38.76
C LEU A 49 -13.70 6.59 40.06
N SER A 50 -14.43 7.68 40.32
CA SER A 50 -15.19 7.78 41.56
C SER A 50 -16.37 6.81 41.63
N ARG A 51 -16.74 6.20 40.50
CA ARG A 51 -17.78 5.19 40.48
C ARG A 51 -17.28 3.79 40.81
N CYS A 52 -15.97 3.58 40.86
CA CYS A 52 -15.39 2.27 41.08
C CYS A 52 -14.91 2.15 42.52
N HIS A 53 -14.86 0.91 43.01
CA HIS A 53 -14.21 0.62 44.29
C HIS A 53 -12.72 0.41 44.02
N ARG A 54 -11.88 1.19 44.69
CA ARG A 54 -10.45 1.14 44.47
C ARG A 54 -9.86 -0.07 45.20
N ILE A 55 -9.21 -0.93 44.45
CA ILE A 55 -8.56 -2.14 44.98
C ILE A 55 -7.07 -1.86 45.10
N PRO A 56 -6.45 -2.11 46.24
CA PRO A 56 -5.02 -1.83 46.37
C PRO A 56 -4.16 -2.80 45.57
N ALA A 57 -3.01 -2.31 45.16
CA ALA A 57 -1.97 -3.18 44.63
C ALA A 57 -1.28 -3.93 45.76
N ARG A 58 -0.58 -5.00 45.38
CA ARG A 58 0.39 -5.63 46.27
C ARG A 58 1.43 -6.33 45.40
N LEU A 59 2.49 -6.81 46.05
CA LEU A 59 3.47 -7.62 45.35
C LEU A 59 3.00 -9.07 45.31
N ALA A 60 3.20 -9.72 44.17
CA ALA A 60 3.17 -11.18 44.12
C ALA A 60 4.33 -11.75 44.94
N THR A 61 4.08 -12.89 45.58
CA THR A 61 5.16 -13.59 46.24
C THR A 61 5.85 -14.53 45.24
N GLU A 62 7.06 -14.95 45.60
CA GLU A 62 7.79 -15.89 44.75
C GLU A 62 7.07 -17.23 44.66
N GLU A 63 6.42 -17.66 45.75
CA GLU A 63 5.63 -18.88 45.71
C GLU A 63 4.47 -18.78 44.74
N GLU A 64 3.83 -17.61 44.67
CA GLU A 64 2.75 -17.41 43.69
C GLU A 64 3.28 -17.44 42.27
N LEU A 65 4.45 -16.85 42.01
CA LEU A 65 5.04 -16.89 40.68
C LEU A 65 5.29 -18.33 40.22
N ALA A 66 5.61 -19.22 41.16
CA ALA A 66 5.87 -20.63 40.84
C ALA A 66 4.64 -21.38 40.37
N LEU A 67 3.44 -20.78 40.43
CA LEU A 67 2.26 -21.42 39.86
C LEU A 67 2.42 -21.63 38.35
N CYS A 68 3.17 -20.78 37.66
CA CYS A 68 3.33 -20.88 36.22
C CYS A 68 4.77 -20.87 35.74
N HIS A 69 5.71 -20.35 36.52
CA HIS A 69 7.07 -20.11 36.05
C HIS A 69 8.06 -20.99 36.79
N SER A 70 9.16 -21.31 36.11
CA SER A 70 10.20 -22.15 36.69
C SER A 70 11.02 -21.39 37.73
N SER A 71 11.70 -22.15 38.58
CA SER A 71 12.51 -21.54 39.64
CA SER A 71 12.51 -21.54 39.64
C SER A 71 13.69 -20.79 39.05
N LYS A 72 14.28 -21.30 37.96
CA LYS A 72 15.39 -20.62 37.31
C LYS A 72 14.95 -19.25 36.81
N HIS A 73 13.83 -19.20 36.08
CA HIS A 73 13.39 -17.94 35.48
C HIS A 73 13.06 -16.91 36.55
N ILE A 74 12.36 -17.31 37.61
CA ILE A 74 12.07 -16.40 38.72
C ILE A 74 13.38 -15.84 39.29
N SER A 75 14.35 -16.72 39.53
CA SER A 75 15.61 -16.32 40.14
C SER A 75 16.36 -15.34 39.28
N ILE A 76 16.39 -15.56 37.96
CA ILE A 76 17.15 -14.69 37.07
C ILE A 76 16.55 -13.29 37.05
N ILE A 77 15.23 -13.21 36.86
CA ILE A 77 14.57 -11.90 36.85
C ILE A 77 14.70 -11.23 38.21
N LYS A 78 14.54 -12.02 39.28
CA LYS A 78 14.72 -11.49 40.64
C LYS A 78 16.08 -10.85 40.83
N SER A 79 17.13 -11.46 40.28
CA SER A 79 18.48 -10.96 40.48
C SER A 79 18.73 -9.61 39.82
N SER A 80 17.91 -9.25 38.83
CA SER A 80 18.09 -8.00 38.08
C SER A 80 17.83 -6.73 38.88
N GLU A 81 17.10 -6.79 40.00
CA GLU A 81 16.86 -5.59 40.78
C GLU A 81 18.15 -4.91 41.24
N HIS A 82 19.20 -5.69 41.44
CA HIS A 82 20.48 -5.24 42.01
C HIS A 82 21.62 -5.20 40.99
N MET A 83 21.32 -5.36 39.71
CA MET A 83 22.34 -5.45 38.66
C MET A 83 22.77 -4.05 38.24
N LYS A 84 24.03 -3.95 37.81
CA LYS A 84 24.50 -2.70 37.24
C LYS A 84 24.04 -2.52 35.79
N PRO A 85 24.10 -1.28 35.30
CA PRO A 85 23.59 -0.97 33.95
C PRO A 85 24.11 -1.85 32.82
N ARG A 86 25.41 -2.16 32.81
CA ARG A 86 25.97 -2.98 31.74
C ARG A 86 25.33 -4.36 31.68
N ASP A 87 25.10 -4.97 32.85
CA ASP A 87 24.52 -6.30 32.98
C ASP A 87 23.01 -6.32 32.71
N LEU A 88 22.28 -5.26 33.06
CA LEU A 88 20.87 -5.21 32.70
C LEU A 88 20.68 -5.26 31.19
N ASN A 89 21.55 -4.57 30.45
CA ASN A 89 21.46 -4.60 28.99
C ASN A 89 21.76 -6.00 28.45
N ARG A 90 22.84 -6.62 28.93
CA ARG A 90 23.18 -7.97 28.48
C ARG A 90 22.07 -8.97 28.81
N LEU A 91 21.51 -8.89 30.01
CA LEU A 91 20.44 -9.83 30.37
C LEU A 91 19.20 -9.62 29.51
N GLY A 92 18.77 -8.36 29.33
CA GLY A 92 17.62 -8.11 28.49
C GLY A 92 17.83 -8.60 27.07
N ASP A 93 19.05 -8.43 26.55
CA ASP A 93 19.39 -8.88 25.21
C ASP A 93 19.44 -10.39 25.08
N GLU A 94 19.40 -11.12 26.20
CA GLU A 94 19.32 -12.57 26.19
C GLU A 94 17.93 -13.08 25.85
N TYR A 95 16.95 -12.19 25.75
CA TYR A 95 15.57 -12.52 25.47
C TYR A 95 15.13 -11.86 24.17
N ASN A 96 14.00 -12.32 23.65
CA ASN A 96 13.39 -11.71 22.48
C ASN A 96 12.59 -10.48 22.90
N SER A 97 13.13 -9.30 22.59
N SER A 97 13.14 -9.30 22.62
CA SER A 97 12.48 -8.01 22.81
CA SER A 97 12.47 -8.03 22.82
C SER A 97 12.11 -7.82 24.29
C SER A 97 12.11 -7.82 24.29
N ILE A 98 13.14 -7.55 25.09
CA ILE A 98 12.97 -7.27 26.51
C ILE A 98 13.91 -6.15 26.88
N PHE A 99 13.42 -5.15 27.63
CA PHE A 99 14.28 -4.22 28.34
C PHE A 99 14.03 -4.34 29.82
N ILE A 100 15.07 -4.08 30.62
CA ILE A 100 15.04 -4.28 32.05
C ILE A 100 15.68 -3.10 32.75
N SER A 101 15.06 -2.66 33.82
CA SER A 101 15.65 -1.70 34.75
C SER A 101 15.69 -2.34 36.13
N ASN A 102 16.22 -1.61 37.11
CA ASN A 102 16.29 -2.14 38.47
C ASN A 102 14.91 -2.26 39.11
N GLU A 103 13.94 -1.49 38.62
CA GLU A 103 12.59 -1.49 39.16
C GLU A 103 11.68 -2.50 38.45
N SER A 104 12.18 -3.16 37.41
CA SER A 104 11.34 -4.02 36.58
C SER A 104 10.74 -5.18 37.37
N TYR A 105 11.57 -5.84 38.18
CA TYR A 105 11.11 -7.00 38.96
C TYR A 105 9.94 -6.61 39.87
N THR A 106 10.10 -5.52 40.62
CA THR A 106 9.05 -5.06 41.52
C THR A 106 7.77 -4.74 40.76
N CYS A 107 7.88 -4.08 39.61
CA CYS A 107 6.70 -3.75 38.81
C CYS A 107 5.97 -5.00 38.32
N ALA A 108 6.72 -6.01 37.88
CA ALA A 108 6.08 -7.25 37.46
C ALA A 108 5.34 -7.91 38.62
N LEU A 109 5.92 -7.86 39.82
CA LEU A 109 5.24 -8.37 41.00
C LEU A 109 3.96 -7.59 41.28
N LEU A 110 4.01 -6.27 41.12
CA LEU A 110 2.84 -5.44 41.38
C LEU A 110 1.73 -5.70 40.35
N ALA A 111 2.10 -5.90 39.09
CA ALA A 111 1.09 -6.20 38.07
C ALA A 111 0.36 -7.49 38.41
N ALA A 112 1.10 -8.53 38.77
CA ALA A 112 0.49 -9.81 39.14
C ALA A 112 -0.34 -9.68 40.41
N GLY A 113 0.25 -9.10 41.47
CA GLY A 113 -0.45 -8.97 42.74
C GLY A 113 -1.70 -8.12 42.65
N SER A 114 -1.67 -7.09 41.81
CA SER A 114 -2.88 -6.28 41.59
C SER A 114 -4.01 -7.14 41.04
N CYS A 115 -3.69 -8.03 40.09
CA CYS A 115 -4.69 -8.92 39.52
C CYS A 115 -5.12 -10.01 40.49
N PHE A 116 -4.19 -10.49 41.33
CA PHE A 116 -4.58 -11.44 42.37
C PHE A 116 -5.60 -10.84 43.32
N ASN A 117 -5.35 -9.60 43.76
CA ASN A 117 -6.29 -8.94 44.66
C ASN A 117 -7.63 -8.73 43.96
N SER A 118 -7.61 -8.41 42.67
CA SER A 118 -8.85 -8.19 41.94
C SER A 118 -9.61 -9.49 41.74
N ALA A 119 -8.90 -10.57 41.37
CA ALA A 119 -9.56 -11.87 41.26
C ALA A 119 -10.14 -12.31 42.61
N GLN A 120 -9.40 -12.08 43.68
CA GLN A 120 -9.88 -12.45 45.01
C GLN A 120 -11.13 -11.65 45.37
N ALA A 121 -11.12 -10.35 45.07
CA ALA A 121 -12.30 -9.51 45.34
C ALA A 121 -13.51 -9.98 44.55
N ILE A 122 -13.31 -10.38 43.28
CA ILE A 122 -14.42 -10.89 42.48
C ILE A 122 -14.95 -12.19 43.06
N LEU A 123 -14.05 -13.14 43.35
CA LEU A 123 -14.47 -14.48 43.73
C LEU A 123 -15.05 -14.56 45.14
N THR A 124 -14.73 -13.59 46.00
CA THR A 124 -15.32 -13.51 47.32
C THR A 124 -16.59 -12.65 47.36
N GLY A 125 -16.96 -12.06 46.24
CA GLY A 125 -18.15 -11.23 46.16
C GLY A 125 -17.99 -9.82 46.64
N GLN A 126 -16.77 -9.37 46.94
CA GLN A 126 -16.59 -7.97 47.32
C GLN A 126 -16.92 -7.06 46.15
N VAL A 127 -16.56 -7.48 44.93
CA VAL A 127 -16.95 -6.81 43.69
C VAL A 127 -17.46 -7.87 42.72
N ARG A 128 -18.23 -7.41 41.73
CA ARG A 128 -18.69 -8.29 40.66
C ARG A 128 -17.63 -8.47 39.58
N ASN A 129 -16.93 -7.39 39.24
CA ASN A 129 -15.98 -7.38 38.14
C ASN A 129 -14.94 -6.33 38.46
N ALA A 130 -13.91 -6.24 37.62
CA ALA A 130 -12.82 -5.32 37.92
C ALA A 130 -11.99 -5.08 36.67
N VAL A 131 -11.24 -3.99 36.71
CA VAL A 131 -10.36 -3.57 35.63
C VAL A 131 -8.99 -3.35 36.23
N ALA A 132 -7.95 -3.84 35.55
CA ALA A 132 -6.59 -3.79 36.07
C ALA A 132 -5.69 -3.00 35.13
N ILE A 133 -5.27 -1.82 35.59
CA ILE A 133 -4.48 -0.91 34.77
C ILE A 133 -3.03 -1.17 35.18
N VAL A 134 -2.41 -2.16 34.56
CA VAL A 134 -1.14 -2.71 35.02
C VAL A 134 -0.15 -2.73 33.87
N ARG A 135 1.13 -2.65 34.23
CA ARG A 135 2.22 -2.91 33.31
C ARG A 135 3.42 -3.39 34.11
N PRO A 136 4.40 -4.04 33.47
CA PRO A 136 4.49 -4.54 32.10
C PRO A 136 3.46 -5.62 31.77
N PRO A 137 3.22 -5.89 30.47
CA PRO A 137 2.26 -6.93 30.10
C PRO A 137 2.77 -8.33 30.40
N GLY A 138 1.94 -9.35 30.18
CA GLY A 138 2.28 -10.69 30.62
C GLY A 138 2.22 -11.83 29.62
N HIS A 139 1.39 -11.70 28.58
CA HIS A 139 0.92 -12.89 27.87
C HIS A 139 1.99 -13.55 27.00
N HIS A 140 3.09 -12.85 26.69
CA HIS A 140 4.19 -13.47 25.96
C HIS A 140 5.16 -14.22 26.86
N ALA A 141 5.06 -14.06 28.18
CA ALA A 141 5.97 -14.72 29.10
C ALA A 141 5.69 -16.21 29.17
N GLU A 142 6.74 -17.02 29.05
CA GLU A 142 6.62 -18.47 29.06
C GLU A 142 6.98 -19.01 30.43
N LYS A 143 6.77 -20.31 30.62
CA LYS A 143 7.14 -20.93 31.89
C LYS A 143 8.59 -20.62 32.26
N ASP A 144 9.49 -20.73 31.30
CA ASP A 144 10.93 -20.68 31.60
C ASP A 144 11.62 -19.46 31.01
N THR A 145 10.89 -18.51 30.42
CA THR A 145 11.57 -17.39 29.79
C THR A 145 10.64 -16.19 29.66
N ALA A 146 11.26 -15.02 29.59
CA ALA A 146 10.59 -13.76 29.28
C ALA A 146 10.57 -13.54 27.78
N CYS A 147 9.64 -12.70 27.33
CA CYS A 147 9.48 -12.43 25.90
C CYS A 147 8.54 -11.25 25.71
N GLY A 148 8.82 -10.44 24.69
CA GLY A 148 7.85 -9.49 24.19
C GLY A 148 7.30 -8.50 25.20
N PHE A 149 8.18 -7.91 26.00
CA PHE A 149 7.92 -6.88 27.01
C PHE A 149 7.35 -7.52 28.27
N CYS A 150 7.21 -8.84 28.31
CA CYS A 150 6.55 -9.54 29.39
C CYS A 150 7.57 -10.37 30.18
N PHE A 151 7.48 -10.28 31.50
CA PHE A 151 8.35 -11.03 32.40
C PHE A 151 7.63 -12.23 33.00
N PHE A 152 6.45 -12.01 33.56
CA PHE A 152 5.62 -13.07 34.12
C PHE A 152 4.25 -12.98 33.49
N ASN A 153 3.57 -14.12 33.38
CA ASN A 153 2.31 -14.21 32.66
C ASN A 153 1.18 -13.87 33.62
N THR A 154 0.90 -12.57 33.74
CA THR A 154 -0.10 -12.07 34.67
C THR A 154 -1.43 -12.81 34.54
N ALA A 155 -1.94 -12.92 33.32
CA ALA A 155 -3.24 -13.58 33.13
C ALA A 155 -3.17 -15.05 33.52
N ALA A 156 -2.10 -15.74 33.10
CA ALA A 156 -1.96 -17.16 33.46
C ALA A 156 -1.83 -17.33 34.95
N LEU A 157 -1.02 -16.48 35.60
CA LEU A 157 -0.89 -16.51 37.05
C LEU A 157 -2.21 -16.27 37.75
N THR A 158 -3.02 -15.33 37.23
CA THR A 158 -4.29 -15.02 37.85
C THR A 158 -5.25 -16.20 37.76
N ALA A 159 -5.25 -16.90 36.63
CA ALA A 159 -6.08 -18.10 36.50
C ALA A 159 -5.71 -19.14 37.55
N ARG A 160 -4.41 -19.39 37.75
CA ARG A 160 -3.98 -20.36 38.73
C ARG A 160 -4.26 -19.89 40.16
N TYR A 161 -4.10 -18.59 40.41
CA TYR A 161 -4.40 -18.05 41.73
C TYR A 161 -5.88 -18.24 42.07
N ALA A 162 -6.76 -17.95 41.11
CA ALA A 162 -8.19 -18.14 41.32
C ALA A 162 -8.51 -19.57 41.73
N GLN A 163 -7.91 -20.54 41.03
CA GLN A 163 -8.12 -21.94 41.36
C GLN A 163 -7.59 -22.27 42.75
N SER A 164 -6.46 -21.69 43.15
CA SER A 164 -5.88 -22.01 44.46
C SER A 164 -6.75 -21.53 45.61
N ILE A 165 -7.54 -20.47 45.42
CA ILE A 165 -8.37 -19.93 46.50
C ILE A 165 -9.83 -20.35 46.37
N THR A 166 -10.17 -21.18 45.39
CA THR A 166 -11.53 -21.68 45.28
C THR A 166 -11.56 -23.20 45.15
N ARG A 167 -11.19 -23.70 43.97
CA ARG A 167 -11.19 -25.12 43.67
C ARG A 167 -10.26 -25.35 42.49
N GLU A 168 -9.52 -26.48 42.50
CA GLU A 168 -8.49 -26.69 41.50
C GLU A 168 -9.06 -26.74 40.09
N SER A 169 -10.27 -27.30 39.92
CA SER A 169 -10.89 -27.50 38.62
C SER A 169 -11.67 -26.28 38.14
N LEU A 170 -11.66 -25.19 38.92
CA LEU A 170 -12.39 -23.97 38.60
C LEU A 170 -12.13 -23.56 37.15
N ARG A 171 -13.21 -23.45 36.39
CA ARG A 171 -13.14 -23.20 34.96
C ARG A 171 -12.93 -21.71 34.69
N VAL A 172 -11.76 -21.37 34.16
CA VAL A 172 -11.38 -20.00 33.86
C VAL A 172 -11.31 -19.86 32.35
N LEU A 173 -12.01 -18.87 31.80
CA LEU A 173 -11.85 -18.50 30.41
C LEU A 173 -10.92 -17.29 30.32
N ILE A 174 -9.90 -17.40 29.50
CA ILE A 174 -9.04 -16.27 29.14
C ILE A 174 -9.32 -15.91 27.68
N VAL A 175 -9.83 -14.69 27.47
CA VAL A 175 -10.00 -14.14 26.12
C VAL A 175 -8.90 -13.11 25.88
N ASP A 176 -8.10 -13.33 24.84
CA ASP A 176 -6.92 -12.50 24.56
C ASP A 176 -7.19 -11.77 23.25
N TRP A 177 -7.59 -10.51 23.35
CA TRP A 177 -7.91 -9.71 22.16
C TRP A 177 -6.81 -8.73 21.80
N ASP A 178 -5.68 -8.76 22.50
CA ASP A 178 -4.46 -8.11 22.03
C ASP A 178 -4.18 -8.54 20.59
N VAL A 179 -3.63 -7.62 19.80
CA VAL A 179 -3.39 -7.92 18.38
C VAL A 179 -2.35 -9.01 18.20
N HIS A 180 -1.52 -9.28 19.22
CA HIS A 180 -0.50 -10.31 19.11
C HIS A 180 -1.00 -11.59 19.78
N HIS A 181 -0.49 -12.72 19.30
CA HIS A 181 -0.80 -13.99 19.93
C HIS A 181 -0.14 -14.09 21.30
N GLY A 182 -0.91 -14.55 22.29
CA GLY A 182 -0.35 -14.79 23.60
C GLY A 182 0.30 -16.17 23.68
N ASN A 183 1.49 -16.28 23.08
CA ASN A 183 2.18 -17.56 23.03
C ASN A 183 2.40 -18.16 24.41
N GLY A 184 2.73 -17.33 25.40
CA GLY A 184 3.00 -17.85 26.73
C GLY A 184 1.77 -18.44 27.40
N THR A 185 0.63 -17.76 27.28
CA THR A 185 -0.61 -18.26 27.88
C THR A 185 -1.02 -19.58 27.25
N GLN A 186 -0.98 -19.66 25.92
CA GLN A 186 -1.31 -20.90 25.21
C GLN A 186 -0.49 -22.09 25.71
N HIS A 187 0.83 -21.92 25.82
CA HIS A 187 1.69 -23.06 26.17
C HIS A 187 1.46 -23.52 27.60
N ILE A 188 1.30 -22.58 28.54
CA ILE A 188 1.08 -22.94 29.94
C ILE A 188 -0.16 -23.83 30.08
N PHE A 189 -1.21 -23.51 29.34
CA PHE A 189 -2.49 -24.22 29.47
C PHE A 189 -2.77 -25.20 28.33
N GLU A 190 -1.78 -25.48 27.47
CA GLU A 190 -2.05 -26.22 26.25
C GLU A 190 -2.61 -27.61 26.53
N GLU A 191 -2.23 -28.23 27.65
CA GLU A 191 -2.74 -29.55 28.02
C GLU A 191 -3.81 -29.49 29.10
N ASP A 192 -4.42 -28.34 29.31
CA ASP A 192 -5.29 -28.11 30.47
C ASP A 192 -6.70 -27.86 29.95
N ASP A 193 -7.65 -28.69 30.39
CA ASP A 193 -9.06 -28.55 30.05
C ASP A 193 -9.83 -27.72 31.08
N SER A 194 -9.19 -27.24 32.13
CA SER A 194 -9.84 -26.40 33.12
C SER A 194 -9.70 -24.91 32.82
N VAL A 195 -8.84 -24.54 31.88
CA VAL A 195 -8.62 -23.16 31.48
C VAL A 195 -8.78 -23.11 29.97
N LEU A 196 -9.85 -22.48 29.49
CA LEU A 196 -10.07 -22.32 28.06
C LEU A 196 -9.41 -21.03 27.59
N TYR A 197 -8.50 -21.15 26.63
CA TYR A 197 -7.79 -20.01 26.07
C TYR A 197 -8.33 -19.74 24.67
N ILE A 198 -8.81 -18.52 24.45
CA ILE A 198 -9.28 -18.07 23.15
C ILE A 198 -8.52 -16.80 22.80
N SER A 199 -7.74 -16.85 21.72
CA SER A 199 -6.99 -15.69 21.26
C SER A 199 -7.44 -15.29 19.86
N LEU A 200 -7.63 -13.99 19.66
CA LEU A 200 -7.72 -13.38 18.35
C LEU A 200 -6.45 -12.60 18.10
N HIS A 201 -5.89 -12.71 16.90
CA HIS A 201 -4.60 -12.09 16.66
C HIS A 201 -4.32 -11.97 15.17
N ARG A 202 -3.59 -10.92 14.82
CA ARG A 202 -3.02 -10.80 13.49
C ARG A 202 -1.93 -11.85 13.30
N TYR A 203 -2.03 -12.62 12.22
CA TYR A 203 -1.17 -13.79 12.03
C TYR A 203 -0.32 -13.68 10.78
N GLU A 204 -0.92 -13.37 9.63
CA GLU A 204 -0.20 -13.20 8.37
C GLU A 204 0.70 -14.40 8.07
N ASP A 205 0.12 -15.60 8.18
CA ASP A 205 0.80 -16.85 7.86
C ASP A 205 2.08 -17.04 8.66
N GLY A 206 2.09 -16.57 9.90
CA GLY A 206 3.24 -16.71 10.76
C GLY A 206 4.28 -15.63 10.64
N ALA A 207 4.03 -14.58 9.87
CA ALA A 207 4.99 -13.50 9.68
C ALA A 207 4.84 -12.37 10.69
N PHE A 208 3.76 -12.36 11.46
CA PHE A 208 3.51 -11.33 12.46
C PHE A 208 3.94 -11.82 13.83
N PHE A 209 4.48 -10.91 14.64
CA PHE A 209 4.93 -11.26 15.98
C PHE A 209 3.84 -12.03 16.73
N PRO A 210 4.19 -13.13 17.43
CA PRO A 210 5.56 -13.58 17.70
C PRO A 210 6.15 -14.55 16.67
N ASN A 211 5.60 -14.60 15.46
CA ASN A 211 6.29 -15.17 14.31
C ASN A 211 6.41 -16.69 14.41
N SER A 212 5.39 -17.32 14.98
CA SER A 212 5.36 -18.77 15.17
C SER A 212 4.07 -19.31 14.62
N GLU A 213 4.17 -20.46 13.94
CA GLU A 213 2.97 -21.17 13.49
C GLU A 213 2.19 -21.80 14.61
N ASP A 214 2.65 -21.72 15.85
CA ASP A 214 1.86 -22.13 17.01
C ASP A 214 0.57 -21.33 17.12
N ALA A 215 0.50 -20.15 16.50
CA ALA A 215 -0.65 -19.26 16.57
C ALA A 215 -1.75 -19.60 15.57
N ASN A 216 -1.56 -20.61 14.73
CA ASN A 216 -2.54 -20.93 13.69
C ASN A 216 -3.73 -21.69 14.26
N TYR A 217 -4.78 -21.78 13.45
CA TYR A 217 -6.05 -22.35 13.91
C TYR A 217 -5.95 -23.84 14.19
N ASP A 218 -5.01 -24.54 13.56
CA ASP A 218 -4.92 -25.99 13.75
C ASP A 218 -4.28 -26.37 15.08
N LYS A 219 -3.86 -25.40 15.89
CA LYS A 219 -3.32 -25.65 17.22
C LYS A 219 -4.49 -25.67 18.19
N VAL A 220 -4.95 -26.87 18.53
CA VAL A 220 -6.18 -27.05 19.30
C VAL A 220 -5.94 -27.52 20.72
N GLY A 221 -4.69 -27.70 21.13
CA GLY A 221 -4.41 -28.27 22.43
C GLY A 221 -3.91 -29.71 22.31
N LEU A 222 -3.35 -30.19 23.42
CA LEU A 222 -2.69 -31.49 23.48
C LEU A 222 -3.32 -32.33 24.58
N GLY A 223 -3.41 -33.63 24.34
CA GLY A 223 -3.86 -34.54 25.38
C GLY A 223 -5.28 -34.22 25.81
N LYS A 224 -5.48 -34.16 27.13
CA LYS A 224 -6.78 -33.82 27.68
C LYS A 224 -7.20 -32.39 27.35
N GLY A 225 -6.25 -31.54 26.93
CA GLY A 225 -6.54 -30.18 26.50
C GLY A 225 -7.04 -30.01 25.08
N ARG A 226 -7.22 -31.09 24.32
CA ARG A 226 -7.70 -30.96 22.95
C ARG A 226 -9.08 -30.31 22.91
N GLY A 227 -9.20 -29.23 22.12
CA GLY A 227 -10.40 -28.45 22.06
C GLY A 227 -10.41 -27.21 22.93
N TYR A 228 -9.49 -27.09 23.89
CA TYR A 228 -9.52 -26.02 24.87
C TYR A 228 -8.50 -24.92 24.55
N ASN A 229 -8.01 -24.88 23.33
CA ASN A 229 -7.16 -23.80 22.84
C ASN A 229 -7.71 -23.37 21.49
N VAL A 230 -8.20 -22.13 21.41
CA VAL A 230 -8.88 -21.62 20.23
C VAL A 230 -8.11 -20.42 19.73
N ASN A 231 -7.41 -20.59 18.61
CA ASN A 231 -6.70 -19.51 17.94
C ASN A 231 -7.52 -19.02 16.75
N ILE A 232 -7.75 -17.71 16.70
CA ILE A 232 -8.50 -17.08 15.60
C ILE A 232 -7.53 -16.17 14.84
N PRO A 233 -6.92 -16.67 13.77
CA PRO A 233 -5.83 -15.93 13.11
C PRO A 233 -6.29 -15.13 11.90
N TRP A 234 -5.88 -13.87 11.81
CA TRP A 234 -6.26 -12.99 10.71
C TRP A 234 -5.13 -12.95 9.68
N ASN A 235 -5.50 -13.07 8.40
CA ASN A 235 -4.55 -12.97 7.30
C ASN A 235 -5.06 -11.98 6.26
N GLY A 236 -4.18 -11.11 5.80
CA GLY A 236 -4.47 -10.23 4.69
C GLY A 236 -5.61 -9.24 4.85
N GLY A 237 -5.41 -8.22 5.66
CA GLY A 237 -6.42 -7.19 5.82
C GLY A 237 -6.39 -6.57 7.21
N LYS A 238 -6.70 -5.28 7.27
CA LYS A 238 -6.76 -4.52 8.51
C LYS A 238 -8.15 -4.68 9.10
N MET A 239 -8.27 -5.56 10.10
CA MET A 239 -9.56 -5.90 10.67
C MET A 239 -10.00 -4.85 11.68
N GLY A 240 -11.29 -4.79 11.92
CA GLY A 240 -11.88 -3.81 12.81
C GLY A 240 -13.15 -4.36 13.43
N ASP A 241 -14.05 -3.47 13.82
CA ASP A 241 -15.27 -3.87 14.53
C ASP A 241 -16.06 -4.96 13.80
N PRO A 242 -16.33 -4.87 12.49
CA PRO A 242 -17.13 -5.94 11.85
C PRO A 242 -16.53 -7.32 12.02
N GLU A 243 -15.21 -7.44 11.86
CA GLU A 243 -14.58 -8.75 11.91
C GLU A 243 -14.58 -9.32 13.32
N TYR A 244 -14.28 -8.49 14.33
CA TYR A 244 -14.29 -8.96 15.70
C TYR A 244 -15.70 -9.30 16.17
N MET A 245 -16.71 -8.53 15.74
CA MET A 245 -18.08 -8.87 16.09
C MET A 245 -18.52 -10.18 15.47
N ALA A 246 -18.04 -10.50 14.27
CA ALA A 246 -18.39 -11.76 13.63
C ALA A 246 -17.70 -12.93 14.33
N ALA A 247 -16.43 -12.77 14.68
CA ALA A 247 -15.71 -13.84 15.38
C ALA A 247 -16.34 -14.13 16.73
N PHE A 248 -16.80 -13.08 17.43
CA PHE A 248 -17.49 -13.30 18.70
C PHE A 248 -18.83 -14.00 18.49
N HIS A 249 -19.57 -13.60 17.45
CA HIS A 249 -20.89 -14.18 17.21
C HIS A 249 -20.78 -15.66 16.85
N HIS A 250 -19.83 -16.01 15.99
CA HIS A 250 -19.74 -17.36 15.43
C HIS A 250 -18.84 -18.29 16.24
N LEU A 251 -17.91 -17.76 17.03
CA LEU A 251 -16.89 -18.59 17.65
C LEU A 251 -16.76 -18.36 19.16
N VAL A 252 -16.37 -17.14 19.55
CA VAL A 252 -16.00 -16.89 20.94
C VAL A 252 -17.17 -17.17 21.88
N MET A 253 -18.32 -16.58 21.60
CA MET A 253 -19.45 -16.68 22.52
C MET A 253 -20.08 -18.07 22.53
N PRO A 254 -20.26 -18.73 21.38
CA PRO A 254 -20.79 -20.11 21.45
C PRO A 254 -19.89 -21.06 22.22
N ILE A 255 -18.59 -21.01 21.97
CA ILE A 255 -17.67 -21.90 22.70
C ILE A 255 -17.68 -21.56 24.18
N ALA A 256 -17.59 -20.26 24.50
CA ALA A 256 -17.57 -19.82 25.89
C ALA A 256 -18.83 -20.25 26.62
N ARG A 257 -20.00 -20.02 26.02
CA ARG A 257 -21.25 -20.39 26.66
C ARG A 257 -21.35 -21.89 26.88
N GLU A 258 -20.80 -22.69 25.95
CA GLU A 258 -20.78 -24.13 26.15
C GLU A 258 -19.79 -24.52 27.24
N PHE A 259 -18.65 -23.82 27.31
CA PHE A 259 -17.69 -24.08 28.37
C PHE A 259 -18.22 -23.70 29.74
N ALA A 260 -19.06 -22.66 29.82
CA ALA A 260 -19.70 -22.20 31.04
C ALA A 260 -18.66 -21.79 32.09
N PRO A 261 -17.84 -20.78 31.80
CA PRO A 261 -16.79 -20.39 32.76
C PRO A 261 -17.39 -19.91 34.08
N GLU A 262 -16.60 -20.03 35.14
CA GLU A 262 -16.93 -19.48 36.44
C GLU A 262 -16.18 -18.20 36.74
N LEU A 263 -15.19 -17.86 35.91
CA LEU A 263 -14.45 -16.61 35.98
C LEU A 263 -13.94 -16.31 34.58
N VAL A 264 -14.04 -15.06 34.16
CA VAL A 264 -13.51 -14.63 32.88
C VAL A 264 -12.37 -13.64 33.12
N LEU A 265 -11.21 -13.94 32.54
CA LEU A 265 -10.08 -13.02 32.48
C LEU A 265 -9.94 -12.55 31.04
N VAL A 266 -9.78 -11.25 30.85
CA VAL A 266 -9.51 -10.68 29.54
C VAL A 266 -8.06 -10.22 29.50
N SER A 267 -7.28 -10.80 28.61
CA SER A 267 -5.97 -10.25 28.25
C SER A 267 -6.24 -9.13 27.27
N ALA A 268 -6.45 -7.93 27.82
CA ALA A 268 -7.01 -6.82 27.05
C ALA A 268 -5.88 -5.89 26.61
N GLY A 269 -5.14 -6.31 25.59
CA GLY A 269 -4.34 -5.37 24.84
C GLY A 269 -5.21 -4.52 23.94
N PHE A 270 -4.75 -3.30 23.68
CA PHE A 270 -5.46 -2.38 22.80
C PHE A 270 -4.62 -2.01 21.59
N ASP A 271 -3.75 -2.92 21.14
CA ASP A 271 -2.94 -2.65 19.96
C ASP A 271 -3.60 -3.09 18.67
N ALA A 272 -4.80 -3.67 18.73
CA ALA A 272 -5.62 -3.81 17.54
C ALA A 272 -6.49 -2.58 17.30
N ALA A 273 -6.32 -1.55 18.11
CA ALA A 273 -7.17 -0.36 18.06
C ALA A 273 -6.78 0.50 16.87
N ARG A 274 -7.78 1.18 16.29
CA ARG A 274 -7.53 2.29 15.39
C ARG A 274 -6.52 3.26 16.02
N GLY A 275 -5.49 3.60 15.25
CA GLY A 275 -4.45 4.52 15.70
C GLY A 275 -3.20 3.86 16.23
N ASP A 276 -3.22 2.55 16.46
CA ASP A 276 -2.08 1.86 17.04
C ASP A 276 -1.01 1.60 15.98
N PRO A 277 0.21 2.08 16.16
CA PRO A 277 1.22 1.95 15.11
C PRO A 277 1.89 0.58 15.04
N LEU A 278 1.69 -0.30 16.02
CA LEU A 278 2.25 -1.65 15.92
C LEU A 278 1.29 -2.66 15.30
N GLY A 279 -0.02 -2.47 15.48
CA GLY A 279 -1.00 -3.40 14.98
C GLY A 279 -1.58 -3.20 13.60
N GLY A 280 -1.87 -1.97 13.19
CA GLY A 280 -2.40 -1.76 11.85
C GLY A 280 -3.85 -2.13 11.67
N PHE A 281 -4.60 -2.28 12.76
CA PHE A 281 -6.00 -2.66 12.70
C PHE A 281 -6.88 -1.45 13.03
N GLN A 282 -8.19 -1.69 13.07
CA GLN A 282 -9.15 -0.59 13.06
C GLN A 282 -10.25 -0.72 14.11
N VAL A 283 -10.03 -1.50 15.17
CA VAL A 283 -11.05 -1.63 16.21
C VAL A 283 -11.24 -0.28 16.92
N THR A 284 -12.50 0.12 17.08
CA THR A 284 -12.84 1.40 17.66
C THR A 284 -13.11 1.24 19.15
N PRO A 285 -13.17 2.35 19.89
CA PRO A 285 -13.54 2.24 21.32
C PRO A 285 -14.90 1.61 21.53
N GLU A 286 -15.87 1.93 20.65
CA GLU A 286 -17.19 1.31 20.73
C GLU A 286 -17.14 -0.18 20.44
N GLY A 287 -16.24 -0.60 19.56
CA GLY A 287 -16.04 -2.03 19.33
C GLY A 287 -15.60 -2.77 20.58
N TYR A 288 -14.58 -2.25 21.27
CA TYR A 288 -14.14 -2.87 22.52
C TYR A 288 -15.26 -2.89 23.56
N ALA A 289 -16.10 -1.85 23.59
CA ALA A 289 -17.24 -1.86 24.50
C ALA A 289 -18.18 -3.03 24.23
N HIS A 290 -18.45 -3.32 22.95
CA HIS A 290 -19.35 -4.41 22.62
C HIS A 290 -18.73 -5.77 22.90
N LEU A 291 -17.41 -5.90 22.71
CA LEU A 291 -16.75 -7.15 23.10
C LEU A 291 -16.86 -7.37 24.60
N THR A 292 -16.65 -6.31 25.39
CA THR A 292 -16.77 -6.39 26.84
C THR A 292 -18.19 -6.78 27.25
N HIS A 293 -19.20 -6.14 26.64
CA HIS A 293 -20.58 -6.39 27.02
C HIS A 293 -20.99 -7.83 26.77
N GLN A 294 -20.50 -8.42 25.67
CA GLN A 294 -20.84 -9.82 25.41
C GLN A 294 -20.19 -10.75 26.44
N LEU A 295 -18.95 -10.44 26.85
CA LEU A 295 -18.28 -11.26 27.85
C LEU A 295 -18.93 -11.13 29.22
N MET A 296 -19.55 -9.98 29.51
CA MET A 296 -20.24 -9.80 30.79
C MET A 296 -21.41 -10.76 30.97
N SER A 297 -21.91 -11.36 29.89
CA SER A 297 -22.98 -12.34 30.00
C SER A 297 -22.49 -13.71 30.46
N LEU A 298 -21.18 -13.89 30.62
CA LEU A 298 -20.63 -15.16 31.07
C LEU A 298 -20.27 -15.09 32.54
N ALA A 299 -20.21 -16.26 33.17
CA ALA A 299 -19.63 -16.43 34.50
C ALA A 299 -20.34 -15.57 35.54
N ALA A 300 -21.64 -15.36 35.34
CA ALA A 300 -22.47 -14.50 36.21
C ALA A 300 -21.89 -13.09 36.32
N GLY A 301 -21.20 -12.63 35.28
CA GLY A 301 -20.63 -11.30 35.27
C GLY A 301 -19.29 -11.15 35.94
N ARG A 302 -18.61 -12.25 36.24
N ARG A 302 -18.62 -12.25 36.26
CA ARG A 302 -17.31 -12.20 36.93
CA ARG A 302 -17.31 -12.21 36.92
C ARG A 302 -16.21 -12.05 35.89
C ARG A 302 -16.24 -12.05 35.85
N VAL A 303 -15.96 -10.79 35.50
CA VAL A 303 -15.00 -10.46 34.45
C VAL A 303 -13.89 -9.61 35.05
N LEU A 304 -12.64 -9.98 34.78
CA LEU A 304 -11.48 -9.18 35.16
C LEU A 304 -10.74 -8.78 33.89
N ILE A 305 -10.64 -7.47 33.66
CA ILE A 305 -9.98 -6.92 32.48
C ILE A 305 -8.55 -6.53 32.85
N ILE A 306 -7.58 -7.18 32.23
CA ILE A 306 -6.17 -7.02 32.54
C ILE A 306 -5.50 -6.36 31.35
N LEU A 307 -4.90 -5.19 31.56
CA LEU A 307 -4.21 -4.50 30.49
C LEU A 307 -3.03 -5.33 29.99
N GLU A 308 -2.92 -5.48 28.67
CA GLU A 308 -1.76 -6.06 28.04
C GLU A 308 -1.01 -4.99 27.24
N GLY A 309 -0.98 -5.13 25.93
CA GLY A 309 -0.35 -4.15 25.07
C GLY A 309 -1.30 -3.03 24.69
N GLY A 310 -0.91 -2.30 23.65
CA GLY A 310 -1.63 -1.10 23.24
C GLY A 310 -0.73 0.10 23.39
N TYR A 311 -0.44 0.78 22.29
CA TYR A 311 0.68 1.71 22.26
C TYR A 311 0.32 3.13 21.82
N ASN A 312 -0.89 3.37 21.32
CA ASN A 312 -1.33 4.73 21.05
C ASN A 312 -2.02 5.20 22.32
N LEU A 313 -1.42 6.19 23.00
CA LEU A 313 -1.87 6.55 24.34
C LEU A 313 -3.30 7.06 24.33
N THR A 314 -3.68 7.83 23.31
CA THR A 314 -5.06 8.28 23.19
C THR A 314 -6.02 7.14 22.92
N SER A 315 -5.62 6.19 22.07
N SER A 315 -5.61 6.18 22.08
CA SER A 315 -6.51 5.10 21.69
CA SER A 315 -6.51 5.11 21.69
C SER A 315 -6.75 4.14 22.85
C SER A 315 -6.74 4.14 22.83
N ILE A 316 -5.68 3.76 23.56
CA ILE A 316 -5.83 2.82 24.66
C ILE A 316 -6.62 3.45 25.81
N SER A 317 -6.44 4.76 26.03
CA SER A 317 -7.14 5.44 27.12
C SER A 317 -8.64 5.46 26.86
N GLU A 318 -9.05 5.80 25.64
CA GLU A 318 -10.46 5.81 25.29
C GLU A 318 -11.05 4.40 25.28
N SER A 319 -10.30 3.43 24.75
CA SER A 319 -10.80 2.07 24.60
C SER A 319 -10.99 1.40 25.96
N MET A 320 -9.98 1.49 26.84
CA MET A 320 -10.06 0.87 28.15
C MET A 320 -11.15 1.50 28.98
N SER A 321 -11.31 2.82 28.86
N SER A 321 -11.31 2.82 28.86
CA SER A 321 -12.38 3.50 29.58
CA SER A 321 -12.37 3.50 29.61
C SER A 321 -13.75 3.07 29.11
C SER A 321 -13.74 3.09 29.11
N MET A 322 -13.88 2.75 27.81
N MET A 322 -13.86 2.79 27.81
CA MET A 322 -15.14 2.24 27.29
CA MET A 322 -15.11 2.24 27.30
C MET A 322 -15.43 0.82 27.75
C MET A 322 -15.44 0.92 27.97
N CYS A 323 -14.42 0.11 28.26
CA CYS A 323 -14.64 -1.19 28.89
C CYS A 323 -15.15 -1.04 30.31
N THR A 324 -14.53 -0.15 31.08
CA THR A 324 -14.97 0.08 32.46
C THR A 324 -16.41 0.60 32.48
N SER A 325 -16.76 1.48 31.56
CA SER A 325 -18.13 1.96 31.45
C SER A 325 -19.11 0.80 31.26
N MET A 326 -18.76 -0.18 30.43
CA MET A 326 -19.60 -1.36 30.28
C MET A 326 -19.69 -2.14 31.58
N LEU A 327 -18.55 -2.36 32.25
CA LEU A 327 -18.54 -3.11 33.50
C LEU A 327 -19.45 -2.45 34.54
N LEU A 328 -19.53 -1.13 34.52
CA LEU A 328 -20.38 -0.39 35.46
C LEU A 328 -21.86 -0.49 35.13
N GLY A 329 -22.21 -1.11 34.00
CA GLY A 329 -23.60 -1.31 33.64
C GLY A 329 -24.18 -0.33 32.66
N ASP A 330 -23.36 0.55 32.07
CA ASP A 330 -23.86 1.50 31.09
C ASP A 330 -24.30 0.79 29.82
N SER A 331 -25.24 1.42 29.11
N SER A 331 -25.22 1.43 29.11
CA SER A 331 -25.74 0.84 27.87
CA SER A 331 -25.74 0.84 27.87
C SER A 331 -24.67 0.91 26.78
C SER A 331 -24.69 0.92 26.77
N PRO A 332 -24.48 -0.15 26.01
CA PRO A 332 -23.44 -0.16 24.98
C PRO A 332 -23.74 0.85 23.88
N PRO A 333 -22.73 1.59 23.42
CA PRO A 333 -22.95 2.59 22.37
C PRO A 333 -23.20 1.98 20.99
N SER A 334 -23.85 2.77 20.15
CA SER A 334 -24.18 2.40 18.78
C SER A 334 -22.90 2.34 17.94
N LEU A 335 -22.83 1.39 17.02
CA LEU A 335 -21.68 1.33 16.13
C LEU A 335 -21.89 2.35 15.02
N ASP A 336 -21.07 3.41 15.01
CA ASP A 336 -21.14 4.42 13.95
C ASP A 336 -20.98 3.82 12.57
N HIS A 337 -19.80 3.28 12.29
CA HIS A 337 -19.47 2.75 10.97
C HIS A 337 -19.62 1.24 10.97
N LEU A 338 -19.95 0.70 9.79
CA LEU A 338 -20.13 -0.73 9.65
C LEU A 338 -19.80 -1.20 8.24
N THR A 339 -18.58 -0.99 7.82
CA THR A 339 -17.97 -1.69 6.71
C THR A 339 -18.43 -3.14 6.52
N PRO A 340 -18.73 -3.54 5.28
CA PRO A 340 -19.08 -4.94 4.99
C PRO A 340 -17.90 -5.78 5.45
N LEU A 341 -18.15 -7.00 5.96
CA LEU A 341 -16.97 -7.72 6.41
C LEU A 341 -16.16 -8.15 5.20
N LYS A 342 -14.84 -8.12 5.43
CA LYS A 342 -13.81 -8.74 4.61
C LYS A 342 -13.91 -10.23 4.34
N THR A 343 -13.64 -10.57 3.08
CA THR A 343 -13.70 -11.95 2.60
C THR A 343 -12.79 -12.86 3.43
N SER A 344 -11.56 -12.37 3.71
CA SER A 344 -10.53 -13.12 4.43
C SER A 344 -10.90 -13.38 5.88
N ALA A 345 -11.78 -12.57 6.47
CA ALA A 345 -12.17 -12.84 7.85
C ALA A 345 -13.10 -14.04 7.90
N THR A 346 -14.00 -14.15 6.92
CA THR A 346 -14.82 -15.34 6.77
C THR A 346 -13.98 -16.60 6.56
N VAL A 347 -12.93 -16.51 5.73
CA VAL A 347 -12.05 -17.67 5.54
C VAL A 347 -11.45 -18.11 6.87
N SER A 348 -10.93 -17.16 7.64
CA SER A 348 -10.33 -17.48 8.93
C SER A 348 -11.34 -18.10 9.88
N ILE A 349 -12.52 -17.48 10.01
CA ILE A 349 -13.56 -17.97 10.89
C ILE A 349 -13.97 -19.39 10.52
N ASN A 350 -14.11 -19.66 9.22
CA ASN A 350 -14.53 -20.99 8.77
C ASN A 350 -13.44 -22.04 9.03
N ASN A 351 -12.17 -21.65 8.97
CA ASN A 351 -11.10 -22.58 9.31
C ASN A 351 -11.17 -23.00 10.77
N VAL A 352 -11.41 -22.05 11.68
CA VAL A 352 -11.52 -22.37 13.10
C VAL A 352 -12.73 -23.26 13.35
N LEU A 353 -13.86 -22.96 12.69
CA LEU A 353 -15.05 -23.78 12.83
C LEU A 353 -14.79 -25.24 12.45
N ARG A 354 -14.15 -25.46 11.30
CA ARG A 354 -13.87 -26.82 10.86
C ARG A 354 -12.88 -27.54 11.77
N ALA A 355 -12.08 -26.78 12.52
CA ALA A 355 -11.11 -27.38 13.44
C ALA A 355 -11.70 -27.70 14.81
N HIS A 356 -12.68 -26.91 15.26
CA HIS A 356 -13.22 -27.04 16.61
C HIS A 356 -14.60 -27.68 16.67
N ALA A 357 -15.29 -27.83 15.54
CA ALA A 357 -16.57 -28.55 15.52
C ALA A 357 -16.49 -29.95 16.12
N PRO A 358 -15.38 -30.69 15.99
CA PRO A 358 -15.32 -32.00 16.65
C PRO A 358 -15.40 -31.91 18.16
N PHE A 359 -15.10 -30.77 18.76
CA PHE A 359 -15.00 -30.64 20.20
C PHE A 359 -16.16 -29.89 20.83
N TRP A 360 -16.92 -29.14 20.03
CA TRP A 360 -17.94 -28.22 20.54
C TRP A 360 -19.23 -28.44 19.76
N SER A 361 -20.29 -28.86 20.45
CA SER A 361 -21.57 -29.09 19.79
C SER A 361 -22.25 -27.79 19.40
N SER A 362 -21.99 -26.71 20.13
CA SER A 362 -22.58 -25.41 19.82
C SER A 362 -22.17 -24.90 18.43
N LEU A 363 -21.12 -25.46 17.83
CA LEU A 363 -20.69 -24.99 16.52
C LEU A 363 -21.21 -25.86 15.39
N ARG A 364 -21.86 -26.98 15.71
CA ARG A 364 -22.31 -27.92 14.71
C ARG A 364 -23.79 -27.69 14.34
N ALA B 3 17.71 -1.44 22.24
CA ALA B 3 17.53 -2.23 23.46
C ALA B 3 16.05 -2.45 23.72
N GLY B 4 15.70 -3.64 24.19
CA GLY B 4 14.31 -3.96 24.41
C GLY B 4 13.53 -4.25 23.16
N GLY B 5 14.22 -4.46 22.04
CA GLY B 5 13.59 -4.58 20.75
C GLY B 5 13.38 -3.22 20.09
N SER B 6 13.14 -3.25 18.79
CA SER B 6 12.94 -2.02 18.04
C SER B 6 12.09 -2.34 16.82
N SER B 7 11.42 -1.32 16.29
CA SER B 7 10.61 -1.57 15.11
C SER B 7 11.56 -1.86 13.95
N PRO B 8 11.24 -2.81 13.09
CA PRO B 8 12.16 -3.08 11.98
C PRO B 8 12.22 -1.93 10.99
N ILE B 9 13.35 -1.83 10.30
CA ILE B 9 13.62 -0.74 9.38
C ILE B 9 13.66 -1.32 7.97
N THR B 10 13.09 -0.61 6.99
CA THR B 10 13.23 -1.02 5.60
C THR B 10 14.19 -0.06 4.92
N GLY B 11 15.17 -0.60 4.22
CA GLY B 11 16.06 0.24 3.44
C GLY B 11 15.63 0.40 2.00
N LEU B 12 16.09 1.49 1.39
CA LEU B 12 15.85 1.75 -0.02
C LEU B 12 17.09 2.44 -0.57
N VAL B 13 17.61 1.95 -1.70
CA VAL B 13 18.70 2.62 -2.41
C VAL B 13 18.23 2.96 -3.81
N TYR B 14 18.50 4.21 -4.22
CA TYR B 14 18.18 4.67 -5.57
C TYR B 14 19.07 5.87 -5.87
N ASP B 15 19.72 5.85 -7.03
CA ASP B 15 20.54 6.97 -7.43
C ASP B 15 20.34 7.26 -8.91
N GLN B 16 20.00 8.51 -9.23
CA GLN B 16 19.69 8.89 -10.61
C GLN B 16 20.91 8.80 -11.52
N ARG B 17 22.12 8.72 -10.96
CA ARG B 17 23.30 8.56 -11.80
C ARG B 17 23.20 7.31 -12.66
N MET B 18 22.50 6.28 -12.18
CA MET B 18 22.37 5.06 -12.95
C MET B 18 21.48 5.23 -14.17
N MET B 19 20.81 6.38 -14.31
CA MET B 19 20.07 6.70 -15.52
C MET B 19 20.98 7.09 -16.67
N LEU B 20 22.26 7.33 -16.42
CA LEU B 20 23.11 7.89 -17.47
C LEU B 20 23.42 6.84 -18.52
N HIS B 21 23.43 5.57 -18.13
CA HIS B 21 23.57 4.47 -19.08
C HIS B 21 22.38 4.46 -20.03
N HIS B 22 22.65 4.48 -21.33
CA HIS B 22 21.57 4.59 -22.30
C HIS B 22 22.03 4.03 -23.63
N ASN B 23 21.06 3.74 -24.49
CA ASN B 23 21.35 3.25 -25.84
C ASN B 23 21.36 4.43 -26.82
N MET B 24 22.55 4.84 -27.24
CA MET B 24 22.65 6.02 -28.09
C MET B 24 22.22 5.76 -29.52
N TRP B 25 22.07 4.49 -29.93
CA TRP B 25 21.62 4.20 -31.29
C TRP B 25 20.12 3.94 -31.36
N ASP B 26 19.49 3.60 -30.23
CA ASP B 26 18.08 3.19 -30.21
C ASP B 26 17.53 3.70 -28.88
N SER B 27 16.94 4.90 -28.91
CA SER B 27 16.37 5.53 -27.73
C SER B 27 15.09 4.87 -27.23
N HIS B 28 14.54 3.90 -27.97
CA HIS B 28 13.34 3.17 -27.57
C HIS B 28 13.64 1.74 -27.11
N HIS B 29 14.91 1.43 -26.84
CA HIS B 29 15.25 0.14 -26.27
C HIS B 29 14.53 -0.04 -24.93
N PRO B 30 13.96 -1.22 -24.67
CA PRO B 30 13.11 -1.39 -23.49
C PRO B 30 13.84 -1.18 -22.16
N GLU B 31 15.16 -1.35 -22.12
CA GLU B 31 15.91 -1.18 -20.89
C GLU B 31 16.30 0.30 -20.75
N LEU B 32 15.28 1.10 -20.41
CA LEU B 32 15.26 2.56 -20.44
C LEU B 32 15.82 3.12 -19.14
N PRO B 33 16.54 4.25 -19.21
CA PRO B 33 16.90 4.96 -17.97
C PRO B 33 15.72 5.25 -17.04
N GLN B 34 14.56 5.60 -17.61
CA GLN B 34 13.36 5.94 -16.86
C GLN B 34 12.80 4.78 -16.04
N ARG B 35 13.24 3.55 -16.30
CA ARG B 35 12.77 2.40 -15.52
C ARG B 35 12.95 2.63 -14.02
N ILE B 36 14.14 3.09 -13.60
CA ILE B 36 14.37 3.23 -12.17
C ILE B 36 13.69 4.49 -11.63
N SER B 37 13.70 5.58 -12.41
CA SER B 37 13.08 6.81 -11.95
C SER B 37 11.56 6.68 -11.87
N ARG B 38 10.95 5.88 -12.75
CA ARG B 38 9.52 5.67 -12.66
C ARG B 38 9.16 4.87 -11.41
N ILE B 39 9.95 3.85 -11.08
CA ILE B 39 9.71 3.09 -9.85
C ILE B 39 9.86 4.02 -8.65
N PHE B 40 10.94 4.81 -8.63
CA PHE B 40 11.17 5.73 -7.52
C PHE B 40 10.03 6.74 -7.40
N SER B 41 9.55 7.25 -8.53
CA SER B 41 8.44 8.20 -8.52
C SER B 41 7.18 7.55 -7.95
N ARG B 42 6.94 6.28 -8.27
CA ARG B 42 5.77 5.60 -7.73
C ARG B 42 5.86 5.41 -6.23
N HIS B 43 7.06 5.18 -5.70
CA HIS B 43 7.25 5.11 -4.26
C HIS B 43 6.91 6.42 -3.58
N GLU B 44 7.21 7.55 -4.24
CA GLU B 44 6.85 8.86 -3.70
C GLU B 44 5.33 9.06 -3.70
N GLU B 45 4.66 8.73 -4.81
CA GLU B 45 3.22 8.94 -4.87
C GLU B 45 2.49 8.15 -3.80
N LEU B 46 2.94 6.92 -3.54
CA LEU B 46 2.32 6.06 -2.55
C LEU B 46 2.85 6.28 -1.15
N ARG B 47 3.71 7.29 -0.96
CA ARG B 47 4.22 7.65 0.37
C ARG B 47 4.99 6.51 1.01
N LEU B 48 5.66 5.70 0.19
CA LEU B 48 6.49 4.62 0.69
C LEU B 48 7.90 5.10 0.98
N LEU B 49 8.42 6.04 0.19
CA LEU B 49 9.81 6.43 0.32
C LEU B 49 10.09 6.97 1.70
N SER B 50 9.22 7.87 2.19
CA SER B 50 9.42 8.48 3.49
C SER B 50 9.26 7.50 4.64
N ARG B 51 8.71 6.31 4.39
CA ARG B 51 8.62 5.27 5.40
C ARG B 51 9.88 4.43 5.47
N CYS B 52 10.77 4.57 4.50
CA CYS B 52 11.98 3.77 4.38
C CYS B 52 13.19 4.57 4.85
N HIS B 53 14.22 3.85 5.29
CA HIS B 53 15.53 4.44 5.53
C HIS B 53 16.31 4.47 4.23
N ARG B 54 16.73 5.66 3.82
CA ARG B 54 17.43 5.81 2.54
C ARG B 54 18.88 5.37 2.69
N ILE B 55 19.28 4.40 1.89
CA ILE B 55 20.64 3.87 1.90
C ILE B 55 21.38 4.49 0.72
N PRO B 56 22.57 5.06 0.92
CA PRO B 56 23.27 5.67 -0.20
C PRO B 56 23.82 4.64 -1.17
N ALA B 57 23.93 5.06 -2.43
CA ALA B 57 24.69 4.32 -3.41
C ALA B 57 26.18 4.51 -3.19
N ARG B 58 26.97 3.61 -3.77
CA ARG B 58 28.39 3.83 -3.95
C ARG B 58 28.84 3.02 -5.15
N LEU B 59 30.09 3.23 -5.56
CA LEU B 59 30.66 2.40 -6.61
C LEU B 59 31.21 1.12 -6.00
N ALA B 60 31.00 0.01 -6.68
CA ALA B 60 31.79 -1.19 -6.44
C ALA B 60 33.25 -0.95 -6.80
N THR B 61 34.15 -1.56 -6.04
CA THR B 61 35.54 -1.52 -6.42
C THR B 61 35.86 -2.67 -7.38
N GLU B 62 36.99 -2.53 -8.07
CA GLU B 62 37.43 -3.59 -8.98
C GLU B 62 37.75 -4.88 -8.23
N GLU B 63 38.29 -4.75 -7.01
CA GLU B 63 38.56 -5.92 -6.18
C GLU B 63 37.28 -6.66 -5.83
N GLU B 64 36.20 -5.93 -5.55
CA GLU B 64 34.91 -6.56 -5.28
C GLU B 64 34.36 -7.27 -6.52
N LEU B 65 34.50 -6.65 -7.70
CA LEU B 65 34.03 -7.29 -8.93
C LEU B 65 34.73 -8.63 -9.16
N ALA B 66 36.00 -8.74 -8.74
CA ALA B 66 36.76 -9.97 -8.88
C ALA B 66 36.25 -11.13 -8.03
N LEU B 67 35.29 -10.88 -7.14
CA LEU B 67 34.66 -11.98 -6.41
C LEU B 67 33.96 -12.96 -7.34
N CYS B 68 33.47 -12.50 -8.49
CA CYS B 68 32.75 -13.35 -9.42
C CYS B 68 33.25 -13.27 -10.85
N HIS B 69 33.95 -12.22 -11.25
CA HIS B 69 34.27 -11.96 -12.64
C HIS B 69 35.77 -12.03 -12.85
N SER B 70 36.17 -12.40 -14.07
CA SER B 70 37.58 -12.51 -14.42
C SER B 70 38.19 -11.12 -14.59
N SER B 71 39.51 -11.05 -14.43
CA SER B 71 40.21 -9.78 -14.59
CA SER B 71 40.21 -9.78 -14.59
C SER B 71 40.13 -9.28 -16.04
N LYS B 72 39.98 -10.19 -17.00
CA LYS B 72 39.84 -9.78 -18.39
C LYS B 72 38.52 -9.06 -18.61
N HIS B 73 37.41 -9.64 -18.12
CA HIS B 73 36.09 -9.06 -18.36
C HIS B 73 35.95 -7.69 -17.70
N ILE B 74 36.44 -7.56 -16.46
CA ILE B 74 36.41 -6.28 -15.77
C ILE B 74 37.16 -5.22 -16.59
N SER B 75 38.36 -5.58 -17.06
CA SER B 75 39.19 -4.62 -17.79
C SER B 75 38.52 -4.15 -19.07
N ILE B 76 37.89 -5.07 -19.80
CA ILE B 76 37.28 -4.70 -21.08
C ILE B 76 36.11 -3.75 -20.85
N ILE B 77 35.21 -4.09 -19.92
CA ILE B 77 34.08 -3.23 -19.64
C ILE B 77 34.55 -1.89 -19.08
N LYS B 78 35.56 -1.92 -18.20
CA LYS B 78 36.14 -0.69 -17.67
C LYS B 78 36.62 0.23 -18.78
N SER B 79 37.22 -0.35 -19.84
CA SER B 79 37.80 0.46 -20.91
C SER B 79 36.73 1.20 -21.72
N SER B 80 35.47 0.76 -21.68
CA SER B 80 34.44 1.39 -22.49
C SER B 80 34.09 2.81 -22.06
N GLU B 81 34.41 3.21 -20.82
CA GLU B 81 34.10 4.56 -20.37
C GLU B 81 34.78 5.61 -21.24
N HIS B 82 35.92 5.26 -21.84
CA HIS B 82 36.74 6.21 -22.59
C HIS B 82 36.66 6.00 -24.10
N MET B 83 35.76 5.13 -24.54
CA MET B 83 35.65 4.76 -25.95
C MET B 83 34.79 5.77 -26.70
N LYS B 84 35.11 5.95 -27.98
CA LYS B 84 34.25 6.72 -28.87
C LYS B 84 33.06 5.90 -29.35
N PRO B 85 32.03 6.56 -29.87
CA PRO B 85 30.81 5.84 -30.28
C PRO B 85 31.02 4.67 -31.22
N ARG B 86 31.91 4.83 -32.21
CA ARG B 86 32.13 3.74 -33.17
C ARG B 86 32.61 2.47 -32.47
N ASP B 87 33.53 2.61 -31.51
CA ASP B 87 34.07 1.47 -30.77
C ASP B 87 33.09 0.93 -29.74
N LEU B 88 32.29 1.80 -29.12
CA LEU B 88 31.25 1.34 -28.20
C LEU B 88 30.25 0.43 -28.93
N ASN B 89 29.90 0.78 -30.17
CA ASN B 89 28.98 -0.06 -30.93
C ASN B 89 29.61 -1.40 -31.23
N ARG B 90 30.87 -1.39 -31.68
CA ARG B 90 31.58 -2.63 -31.97
C ARG B 90 31.73 -3.51 -30.73
N LEU B 91 32.05 -2.91 -29.59
CA LEU B 91 32.21 -3.70 -28.37
C LEU B 91 30.89 -4.35 -27.94
N GLY B 92 29.80 -3.57 -27.94
CA GLY B 92 28.51 -4.15 -27.56
C GLY B 92 28.08 -5.30 -28.45
N ASP B 93 28.35 -5.20 -29.74
CA ASP B 93 28.00 -6.27 -30.68
C ASP B 93 28.81 -7.54 -30.49
N GLU B 94 29.89 -7.49 -29.68
CA GLU B 94 30.65 -8.69 -29.37
C GLU B 94 29.94 -9.56 -28.34
N TYR B 95 28.85 -9.06 -27.76
CA TYR B 95 28.08 -9.74 -26.74
C TYR B 95 26.67 -10.00 -27.25
N ASN B 96 25.95 -10.86 -26.54
CA ASN B 96 24.54 -11.09 -26.82
C ASN B 96 23.68 -10.00 -26.17
N SER B 97 23.03 -9.20 -27.01
CA SER B 97 22.05 -8.22 -26.58
C SER B 97 22.61 -7.28 -25.52
N ILE B 98 23.63 -6.52 -25.92
CA ILE B 98 24.27 -5.54 -25.05
C ILE B 98 24.44 -4.24 -25.82
N PHE B 99 24.08 -3.12 -25.19
CA PHE B 99 24.51 -1.81 -25.64
C PHE B 99 25.34 -1.15 -24.54
N ILE B 100 26.28 -0.30 -24.96
CA ILE B 100 27.25 0.30 -24.06
C ILE B 100 27.40 1.78 -24.40
N SER B 101 27.43 2.62 -23.37
CA SER B 101 27.80 4.03 -23.47
C SER B 101 29.00 4.27 -22.56
N ASN B 102 29.44 5.54 -22.51
CA ASN B 102 30.56 5.90 -21.63
C ASN B 102 30.18 5.80 -20.17
N GLU B 103 28.89 5.89 -19.85
CA GLU B 103 28.41 5.85 -18.47
C GLU B 103 28.06 4.45 -18.01
N SER B 104 28.11 3.45 -18.90
CA SER B 104 27.63 2.11 -18.56
C SER B 104 28.44 1.52 -17.42
N TYR B 105 29.76 1.62 -17.49
CA TYR B 105 30.64 1.05 -16.47
C TYR B 105 30.33 1.63 -15.10
N THR B 106 30.25 2.97 -15.00
CA THR B 106 29.94 3.61 -13.73
C THR B 106 28.59 3.17 -13.20
N CYS B 107 27.58 3.09 -14.06
CA CYS B 107 26.25 2.65 -13.62
C CYS B 107 26.27 1.21 -13.13
N ALA B 108 27.00 0.33 -13.82
CA ALA B 108 27.11 -1.05 -13.35
C ALA B 108 27.81 -1.12 -12.00
N LEU B 109 28.83 -0.28 -11.79
CA LEU B 109 29.48 -0.21 -10.48
C LEU B 109 28.50 0.26 -9.41
N LEU B 110 27.66 1.24 -9.75
CA LEU B 110 26.70 1.75 -8.78
C LEU B 110 25.63 0.72 -8.46
N ALA B 111 25.20 -0.05 -9.45
CA ALA B 111 24.22 -1.10 -9.19
C ALA B 111 24.77 -2.12 -8.22
N ALA B 112 26.01 -2.58 -8.43
CA ALA B 112 26.61 -3.53 -7.52
C ALA B 112 26.84 -2.91 -6.15
N GLY B 113 27.46 -1.73 -6.11
CA GLY B 113 27.74 -1.09 -4.83
C GLY B 113 26.50 -0.73 -4.04
N SER B 114 25.42 -0.35 -4.73
CA SER B 114 24.14 -0.11 -4.06
C SER B 114 23.66 -1.35 -3.32
N CYS B 115 23.79 -2.52 -3.95
CA CYS B 115 23.37 -3.76 -3.32
C CYS B 115 24.32 -4.18 -2.21
N PHE B 116 25.62 -3.90 -2.36
CA PHE B 116 26.56 -4.16 -1.28
C PHE B 116 26.18 -3.35 -0.05
N ASN B 117 25.90 -2.05 -0.23
CA ASN B 117 25.50 -1.21 0.90
C ASN B 117 24.21 -1.71 1.53
N SER B 118 23.27 -2.17 0.71
CA SER B 118 22.00 -2.66 1.25
C SER B 118 22.19 -3.97 2.00
N ALA B 119 22.97 -4.90 1.43
CA ALA B 119 23.27 -6.14 2.13
C ALA B 119 24.02 -5.88 3.43
N GLN B 120 24.97 -4.94 3.41
CA GLN B 120 25.71 -4.61 4.63
C GLN B 120 24.80 -4.06 5.72
N ALA B 121 23.87 -3.18 5.34
CA ALA B 121 22.93 -2.64 6.32
C ALA B 121 22.06 -3.74 6.92
N ILE B 122 21.62 -4.69 6.09
CA ILE B 122 20.82 -5.80 6.59
C ILE B 122 21.65 -6.68 7.52
N LEU B 123 22.86 -7.06 7.09
CA LEU B 123 23.63 -8.05 7.83
C LEU B 123 24.21 -7.49 9.13
N THR B 124 24.36 -6.17 9.22
CA THR B 124 24.78 -5.53 10.46
C THR B 124 23.62 -5.14 11.35
N GLY B 125 22.39 -5.37 10.90
CA GLY B 125 21.21 -5.03 11.69
C GLY B 125 20.79 -3.59 11.64
N GLN B 126 21.40 -2.77 10.77
CA GLN B 126 20.95 -1.40 10.63
C GLN B 126 19.53 -1.33 10.07
N VAL B 127 19.21 -2.23 9.14
CA VAL B 127 17.85 -2.42 8.65
C VAL B 127 17.61 -3.93 8.65
N ARG B 128 16.33 -4.32 8.65
CA ARG B 128 15.99 -5.72 8.54
C ARG B 128 16.01 -6.18 7.08
N ASN B 129 15.53 -5.33 6.17
CA ASN B 129 15.36 -5.69 4.77
C ASN B 129 15.52 -4.41 3.94
N ALA B 130 15.53 -4.58 2.62
CA ALA B 130 15.77 -3.43 1.75
C ALA B 130 15.36 -3.75 0.33
N VAL B 131 15.18 -2.68 -0.45
CA VAL B 131 14.80 -2.75 -1.85
C VAL B 131 15.81 -1.93 -2.63
N ALA B 132 16.30 -2.48 -3.75
CA ALA B 132 17.35 -1.85 -4.53
C ALA B 132 16.83 -1.54 -5.93
N ILE B 133 16.67 -0.26 -6.21
CA ILE B 133 16.10 0.20 -7.48
C ILE B 133 17.29 0.57 -8.35
N VAL B 134 17.84 -0.44 -9.04
CA VAL B 134 19.13 -0.32 -9.69
C VAL B 134 19.01 -0.76 -11.14
N ARG B 135 19.89 -0.21 -11.98
CA ARG B 135 20.09 -0.69 -13.34
C ARG B 135 21.52 -0.35 -13.75
N PRO B 136 22.05 -1.01 -14.79
CA PRO B 136 21.55 -2.15 -15.57
C PRO B 136 21.38 -3.42 -14.74
N PRO B 137 20.62 -4.39 -15.26
CA PRO B 137 20.44 -5.66 -14.53
C PRO B 137 21.68 -6.51 -14.53
N GLY B 138 21.66 -7.64 -13.82
CA GLY B 138 22.86 -8.41 -13.62
C GLY B 138 22.83 -9.88 -13.95
N HIS B 139 21.66 -10.52 -13.91
CA HIS B 139 21.63 -11.97 -13.74
C HIS B 139 22.05 -12.73 -14.99
N HIS B 140 22.06 -12.09 -16.17
CA HIS B 140 22.58 -12.76 -17.36
C HIS B 140 24.08 -12.66 -17.50
N ALA B 141 24.73 -11.80 -16.72
CA ALA B 141 26.18 -11.60 -16.81
C ALA B 141 26.93 -12.80 -16.25
N GLU B 142 27.90 -13.29 -17.01
CA GLU B 142 28.68 -14.46 -16.61
C GLU B 142 30.02 -13.99 -16.04
N LYS B 143 30.77 -14.95 -15.49
CA LYS B 143 32.09 -14.65 -14.98
C LYS B 143 32.95 -13.92 -16.01
N ASP B 144 32.93 -14.38 -17.26
CA ASP B 144 33.87 -13.92 -18.26
C ASP B 144 33.24 -13.12 -19.40
N THR B 145 31.94 -12.83 -19.33
CA THR B 145 31.30 -12.15 -20.44
C THR B 145 30.03 -11.44 -19.99
N ALA B 146 29.66 -10.40 -20.74
CA ALA B 146 28.39 -9.71 -20.59
C ALA B 146 27.33 -10.39 -21.45
N CYS B 147 26.06 -10.18 -21.08
CA CYS B 147 24.95 -10.79 -21.79
C CYS B 147 23.64 -10.16 -21.32
N GLY B 148 22.70 -10.00 -22.24
CA GLY B 148 21.32 -9.73 -21.88
C GLY B 148 21.10 -8.50 -21.02
N PHE B 149 21.76 -7.40 -21.38
CA PHE B 149 21.66 -6.07 -20.76
C PHE B 149 22.50 -6.05 -19.49
N CYS B 150 23.19 -7.13 -19.17
CA CYS B 150 23.91 -7.26 -17.90
C CYS B 150 25.41 -7.28 -18.17
N PHE B 151 26.14 -6.52 -17.37
CA PHE B 151 27.59 -6.43 -17.44
C PHE B 151 28.25 -7.25 -16.34
N PHE B 152 27.82 -7.03 -15.10
CA PHE B 152 28.32 -7.76 -13.95
C PHE B 152 27.11 -8.34 -13.23
N ASN B 153 27.31 -9.47 -12.56
CA ASN B 153 26.18 -10.19 -11.95
C ASN B 153 25.97 -9.63 -10.56
N THR B 154 25.17 -8.56 -10.48
CA THR B 154 24.92 -7.86 -9.24
C THR B 154 24.50 -8.80 -8.12
N ALA B 155 23.51 -9.66 -8.39
CA ALA B 155 23.03 -10.57 -7.34
C ALA B 155 24.11 -11.54 -6.93
N ALA B 156 24.84 -12.11 -7.90
CA ALA B 156 25.90 -13.06 -7.57
C ALA B 156 27.01 -12.36 -6.76
N LEU B 157 27.39 -11.16 -7.19
CA LEU B 157 28.39 -10.39 -6.45
C LEU B 157 27.93 -10.11 -5.03
N THR B 158 26.64 -9.78 -4.85
CA THR B 158 26.14 -9.46 -3.52
C THR B 158 26.19 -10.69 -2.61
N ALA B 159 25.88 -11.87 -3.16
CA ALA B 159 26.00 -13.10 -2.38
C ALA B 159 27.43 -13.31 -1.90
N ARG B 160 28.41 -13.10 -2.77
CA ARG B 160 29.81 -13.29 -2.39
C ARG B 160 30.26 -12.20 -1.42
N TYR B 161 29.80 -10.96 -1.62
CA TYR B 161 30.15 -9.89 -0.70
C TYR B 161 29.61 -10.17 0.70
N ALA B 162 28.36 -10.63 0.80
CA ALA B 162 27.77 -10.96 2.08
C ALA B 162 28.59 -12.01 2.82
N GLN B 163 29.02 -13.06 2.11
CA GLN B 163 29.86 -14.09 2.73
C GLN B 163 31.20 -13.51 3.19
N SER B 164 31.78 -12.60 2.40
CA SER B 164 33.08 -12.04 2.76
C SER B 164 33.04 -11.19 4.02
N ILE B 165 31.89 -10.59 4.34
CA ILE B 165 31.76 -9.73 5.50
C ILE B 165 31.08 -10.41 6.68
N THR B 166 30.75 -11.69 6.57
CA THR B 166 30.19 -12.43 7.69
C THR B 166 31.00 -13.71 7.89
N ARG B 167 30.81 -14.68 6.99
CA ARG B 167 31.57 -15.92 7.02
C ARG B 167 31.44 -16.57 5.65
N GLU B 168 32.51 -17.25 5.24
CA GLU B 168 32.56 -17.82 3.88
C GLU B 168 31.40 -18.76 3.62
N SER B 169 30.96 -19.50 4.65
CA SER B 169 29.94 -20.53 4.52
C SER B 169 28.52 -19.98 4.63
N LEU B 170 28.36 -18.67 4.80
CA LEU B 170 27.06 -18.04 4.94
C LEU B 170 26.10 -18.50 3.86
N ARG B 171 24.97 -19.08 4.28
CA ARG B 171 24.02 -19.67 3.36
C ARG B 171 23.13 -18.58 2.77
N VAL B 172 23.27 -18.34 1.47
CA VAL B 172 22.53 -17.32 0.75
C VAL B 172 21.55 -18.00 -0.18
N LEU B 173 20.28 -17.63 -0.09
CA LEU B 173 19.29 -18.03 -1.08
C LEU B 173 19.08 -16.91 -2.07
N ILE B 174 19.19 -17.23 -3.36
CA ILE B 174 18.81 -16.33 -4.45
C ILE B 174 17.55 -16.87 -5.10
N VAL B 175 16.46 -16.12 -5.01
CA VAL B 175 15.23 -16.45 -5.72
C VAL B 175 15.12 -15.51 -6.92
N ASP B 176 15.03 -16.08 -8.12
CA ASP B 176 15.06 -15.32 -9.36
C ASP B 176 13.70 -15.50 -10.03
N TRP B 177 12.81 -14.52 -9.87
CA TRP B 177 11.47 -14.62 -10.44
C TRP B 177 11.31 -13.77 -11.70
N ASP B 178 12.39 -13.15 -12.18
CA ASP B 178 12.41 -12.61 -13.53
C ASP B 178 11.96 -13.67 -14.53
N VAL B 179 11.25 -13.24 -15.58
CA VAL B 179 10.72 -14.18 -16.54
C VAL B 179 11.82 -14.91 -17.32
N HIS B 180 13.04 -14.38 -17.33
CA HIS B 180 14.14 -15.02 -18.05
C HIS B 180 14.99 -15.81 -17.07
N HIS B 181 15.63 -16.87 -17.58
CA HIS B 181 16.56 -17.64 -16.77
C HIS B 181 17.82 -16.83 -16.48
N GLY B 182 18.25 -16.84 -15.21
CA GLY B 182 19.50 -16.21 -14.85
C GLY B 182 20.68 -17.14 -15.09
N ASN B 183 21.07 -17.29 -16.37
CA ASN B 183 22.14 -18.21 -16.72
C ASN B 183 23.43 -17.89 -15.97
N GLY B 184 23.74 -16.61 -15.80
CA GLY B 184 24.98 -16.25 -15.14
C GLY B 184 25.01 -16.63 -13.67
N THR B 185 23.90 -16.38 -12.96
CA THR B 185 23.84 -16.73 -11.55
C THR B 185 23.96 -18.25 -11.36
N GLN B 186 23.22 -19.02 -12.15
CA GLN B 186 23.31 -20.47 -12.10
C GLN B 186 24.73 -20.97 -12.27
N HIS B 187 25.43 -20.49 -13.29
CA HIS B 187 26.76 -21.02 -13.59
C HIS B 187 27.77 -20.66 -12.52
N ILE B 188 27.72 -19.42 -12.02
CA ILE B 188 28.67 -18.98 -10.98
C ILE B 188 28.56 -19.87 -9.74
N PHE B 189 27.35 -20.25 -9.36
CA PHE B 189 27.14 -21.02 -8.12
C PHE B 189 26.83 -22.49 -8.35
N GLU B 190 26.94 -23.00 -9.59
CA GLU B 190 26.45 -24.34 -9.86
C GLU B 190 27.17 -25.40 -9.05
N GLU B 191 28.43 -25.16 -8.69
CA GLU B 191 29.22 -26.12 -7.92
C GLU B 191 29.27 -25.75 -6.44
N ASP B 192 28.38 -24.88 -5.98
CA ASP B 192 28.46 -24.27 -4.66
C ASP B 192 27.24 -24.72 -3.86
N ASP B 193 27.49 -25.36 -2.72
CA ASP B 193 26.40 -25.76 -1.82
C ASP B 193 26.09 -24.72 -0.76
N SER B 194 26.80 -23.60 -0.74
CA SER B 194 26.53 -22.52 0.20
C SER B 194 25.59 -21.46 -0.37
N VAL B 195 25.31 -21.49 -1.67
CA VAL B 195 24.41 -20.55 -2.32
C VAL B 195 23.40 -21.36 -3.11
N LEU B 196 22.15 -21.36 -2.65
CA LEU B 196 21.07 -22.05 -3.35
C LEU B 196 20.43 -21.09 -4.35
N TYR B 197 20.42 -21.49 -5.62
CA TYR B 197 19.82 -20.70 -6.68
C TYR B 197 18.52 -21.36 -7.10
N ILE B 198 17.43 -20.60 -7.03
CA ILE B 198 16.12 -21.07 -7.47
C ILE B 198 15.60 -20.05 -8.47
N SER B 199 15.41 -20.48 -9.71
CA SER B 199 14.88 -19.62 -10.76
C SER B 199 13.55 -20.15 -11.28
N LEU B 200 12.60 -19.25 -11.45
CA LEU B 200 11.41 -19.49 -12.24
C LEU B 200 11.54 -18.68 -13.52
N HIS B 201 11.19 -19.28 -14.65
CA HIS B 201 11.44 -18.59 -15.90
C HIS B 201 10.63 -19.24 -17.02
N ARG B 202 10.23 -18.42 -17.98
CA ARG B 202 9.67 -18.91 -19.23
C ARG B 202 10.75 -19.61 -20.04
N TYR B 203 10.47 -20.84 -20.47
CA TYR B 203 11.46 -21.72 -21.09
C TYR B 203 11.08 -22.12 -22.49
N GLU B 204 9.84 -22.58 -22.69
CA GLU B 204 9.32 -22.97 -24.01
C GLU B 204 10.26 -23.94 -24.71
N ASP B 205 10.66 -24.99 -23.97
CA ASP B 205 11.48 -26.07 -24.50
C ASP B 205 12.79 -25.57 -25.10
N GLY B 206 13.35 -24.52 -24.49
CA GLY B 206 14.61 -23.96 -24.94
C GLY B 206 14.50 -22.92 -26.03
N ALA B 207 13.29 -22.52 -26.40
CA ALA B 207 13.09 -21.53 -27.46
C ALA B 207 13.04 -20.10 -26.95
N PHE B 208 12.94 -19.90 -25.64
CA PHE B 208 12.85 -18.57 -25.05
C PHE B 208 14.22 -18.14 -24.54
N PHE B 209 14.50 -16.84 -24.68
CA PHE B 209 15.77 -16.28 -24.24
C PHE B 209 16.06 -16.72 -22.80
N PRO B 210 17.30 -17.14 -22.50
CA PRO B 210 18.48 -17.08 -23.37
C PRO B 210 18.73 -18.31 -24.25
N ASN B 211 17.72 -19.14 -24.49
CA ASN B 211 17.76 -20.10 -25.58
C ASN B 211 18.77 -21.21 -25.31
N SER B 212 18.88 -21.59 -24.03
CA SER B 212 19.83 -22.61 -23.59
C SER B 212 19.09 -23.65 -22.75
N GLU B 213 19.42 -24.93 -22.98
CA GLU B 213 18.91 -26.01 -22.15
C GLU B 213 19.48 -26.01 -20.73
N ASP B 214 20.40 -25.10 -20.41
CA ASP B 214 20.82 -24.94 -19.02
C ASP B 214 19.65 -24.55 -18.11
N ALA B 215 18.57 -24.02 -18.68
CA ALA B 215 17.42 -23.56 -17.93
C ALA B 215 16.42 -24.66 -17.62
N ASN B 216 16.65 -25.88 -18.07
CA ASN B 216 15.67 -26.94 -17.85
C ASN B 216 15.78 -27.48 -16.42
N TYR B 217 14.76 -28.24 -16.04
CA TYR B 217 14.66 -28.71 -14.66
C TYR B 217 15.75 -29.72 -14.30
N ASP B 218 16.31 -30.41 -15.30
CA ASP B 218 17.30 -31.46 -15.06
C ASP B 218 18.69 -30.94 -14.71
N LYS B 219 18.90 -29.62 -14.73
CA LYS B 219 20.17 -29.03 -14.28
C LYS B 219 20.08 -28.79 -12.79
N VAL B 220 20.69 -29.68 -12.01
CA VAL B 220 20.55 -29.69 -10.56
C VAL B 220 21.80 -29.25 -9.84
N GLY B 221 22.84 -28.86 -10.57
CA GLY B 221 24.12 -28.57 -9.94
C GLY B 221 25.14 -29.65 -10.18
N LEU B 222 26.39 -29.31 -9.89
CA LEU B 222 27.54 -30.15 -10.19
C LEU B 222 28.31 -30.38 -8.90
N GLY B 223 28.87 -31.59 -8.76
CA GLY B 223 29.74 -31.86 -7.63
C GLY B 223 28.98 -31.68 -6.33
N LYS B 224 29.60 -30.96 -5.39
CA LYS B 224 28.97 -30.67 -4.11
C LYS B 224 27.72 -29.81 -4.25
N GLY B 225 27.55 -29.14 -5.39
CA GLY B 225 26.36 -28.35 -5.66
C GLY B 225 25.13 -29.11 -6.13
N ARG B 226 25.18 -30.43 -6.25
CA ARG B 226 24.01 -31.19 -6.69
C ARG B 226 22.86 -31.00 -5.72
N GLY B 227 21.72 -30.57 -6.25
CA GLY B 227 20.56 -30.23 -5.45
C GLY B 227 20.41 -28.76 -5.14
N TYR B 228 21.45 -27.96 -5.32
CA TYR B 228 21.46 -26.56 -4.92
C TYR B 228 21.24 -25.63 -6.10
N ASN B 229 20.75 -26.15 -7.21
CA ASN B 229 20.34 -25.36 -8.36
C ASN B 229 18.95 -25.84 -8.78
N VAL B 230 17.96 -24.98 -8.67
CA VAL B 230 16.57 -25.34 -8.90
C VAL B 230 16.02 -24.48 -10.03
N ASN B 231 15.83 -25.09 -11.19
CA ASN B 231 15.22 -24.43 -12.34
C ASN B 231 13.77 -24.84 -12.43
N ILE B 232 12.87 -23.86 -12.51
CA ILE B 232 11.44 -24.11 -12.64
C ILE B 232 10.99 -23.59 -13.99
N PRO B 233 10.96 -24.43 -15.02
CA PRO B 233 10.75 -23.93 -16.40
C PRO B 233 9.30 -24.06 -16.86
N TRP B 234 8.77 -22.99 -17.44
CA TRP B 234 7.40 -22.99 -17.94
C TRP B 234 7.45 -23.24 -19.44
N ASN B 235 6.57 -24.12 -19.92
CA ASN B 235 6.47 -24.40 -21.34
C ASN B 235 5.03 -24.32 -21.81
N GLY B 236 4.81 -23.61 -22.91
CA GLY B 236 3.50 -23.61 -23.54
C GLY B 236 2.37 -23.09 -22.69
N GLY B 237 2.33 -21.79 -22.45
CA GLY B 237 1.25 -21.22 -21.66
C GLY B 237 1.57 -19.91 -20.97
N LYS B 238 0.54 -19.08 -20.86
CA LYS B 238 0.63 -17.75 -20.27
C LYS B 238 0.40 -17.87 -18.77
N MET B 239 1.49 -17.95 -18.01
CA MET B 239 1.36 -18.19 -16.59
C MET B 239 1.12 -16.88 -15.84
N GLY B 240 0.54 -17.00 -14.66
CA GLY B 240 0.20 -15.85 -13.84
C GLY B 240 0.22 -16.21 -12.38
N ASP B 241 -0.55 -15.48 -11.58
CA ASP B 241 -0.55 -15.67 -10.12
C ASP B 241 -0.79 -17.12 -9.69
N PRO B 242 -1.80 -17.84 -10.22
CA PRO B 242 -2.02 -19.21 -9.74
C PRO B 242 -0.80 -20.11 -9.90
N GLU B 243 -0.11 -20.02 -11.03
CA GLU B 243 1.02 -20.91 -11.28
C GLU B 243 2.19 -20.56 -10.38
N TYR B 244 2.49 -19.28 -10.19
CA TYR B 244 3.58 -18.90 -9.32
C TYR B 244 3.28 -19.22 -7.86
N MET B 245 2.03 -19.09 -7.44
CA MET B 245 1.68 -19.48 -6.07
C MET B 245 1.82 -20.98 -5.86
N ALA B 246 1.55 -21.78 -6.90
CA ALA B 246 1.70 -23.22 -6.78
C ALA B 246 3.17 -23.64 -6.73
N ALA B 247 4.00 -23.01 -7.56
CA ALA B 247 5.43 -23.34 -7.54
C ALA B 247 6.06 -22.99 -6.18
N PHE B 248 5.64 -21.87 -5.58
CA PHE B 248 6.13 -21.53 -4.25
C PHE B 248 5.65 -22.53 -3.21
N HIS B 249 4.38 -22.93 -3.30
CA HIS B 249 3.81 -23.84 -2.30
C HIS B 249 4.48 -25.21 -2.36
N HIS B 250 4.69 -25.74 -3.56
CA HIS B 250 5.15 -27.11 -3.71
C HIS B 250 6.68 -27.23 -3.79
N LEU B 251 7.37 -26.16 -4.16
CA LEU B 251 8.80 -26.25 -4.46
C LEU B 251 9.63 -25.19 -3.75
N VAL B 252 9.38 -23.91 -4.05
CA VAL B 252 10.27 -22.85 -3.59
C VAL B 252 10.33 -22.81 -2.06
N MET B 253 9.17 -22.76 -1.41
CA MET B 253 9.17 -22.58 0.04
C MET B 253 9.62 -23.83 0.79
N PRO B 254 9.19 -25.04 0.39
CA PRO B 254 9.72 -26.23 1.10
C PRO B 254 11.22 -26.40 0.96
N ILE B 255 11.78 -26.22 -0.24
CA ILE B 255 13.22 -26.35 -0.43
C ILE B 255 13.96 -25.28 0.35
N ALA B 256 13.48 -24.03 0.24
CA ALA B 256 14.13 -22.92 0.94
C ALA B 256 14.15 -23.14 2.44
N ARG B 257 13.06 -23.66 3.01
N ARG B 257 13.06 -23.65 3.02
CA ARG B 257 13.00 -23.87 4.46
CA ARG B 257 13.01 -23.87 4.46
C ARG B 257 13.95 -24.98 4.90
C ARG B 257 13.99 -24.95 4.89
N GLU B 258 14.17 -25.98 4.05
CA GLU B 258 15.12 -27.04 4.39
C GLU B 258 16.55 -26.53 4.29
N PHE B 259 16.83 -25.67 3.31
CA PHE B 259 18.16 -25.07 3.19
C PHE B 259 18.46 -24.13 4.35
N ALA B 260 17.44 -23.46 4.88
CA ALA B 260 17.54 -22.55 6.02
C ALA B 260 18.50 -21.40 5.73
N PRO B 261 18.22 -20.56 4.74
CA PRO B 261 19.15 -19.46 4.42
C PRO B 261 19.30 -18.50 5.58
N GLU B 262 20.46 -17.82 5.60
CA GLU B 262 20.74 -16.75 6.53
C GLU B 262 20.59 -15.37 5.89
N LEU B 263 20.45 -15.33 4.56
CA LEU B 263 20.19 -14.11 3.81
C LEU B 263 19.46 -14.53 2.55
N VAL B 264 18.44 -13.77 2.18
CA VAL B 264 17.71 -13.99 0.93
C VAL B 264 17.92 -12.80 0.01
N LEU B 265 18.38 -13.08 -1.20
CA LEU B 265 18.45 -12.11 -2.28
C LEU B 265 17.39 -12.48 -3.31
N VAL B 266 16.62 -11.51 -3.76
CA VAL B 266 15.65 -11.71 -4.82
C VAL B 266 16.16 -11.03 -6.08
N SER B 267 16.39 -11.81 -7.13
CA SER B 267 16.59 -11.24 -8.46
C SER B 267 15.20 -10.93 -8.99
N ALA B 268 14.74 -9.71 -8.69
CA ALA B 268 13.33 -9.35 -8.87
C ALA B 268 13.16 -8.56 -10.15
N GLY B 269 13.17 -9.29 -11.28
CA GLY B 269 12.64 -8.73 -12.50
C GLY B 269 11.13 -8.71 -12.45
N PHE B 270 10.54 -7.76 -13.16
CA PHE B 270 9.09 -7.65 -13.26
C PHE B 270 8.62 -7.80 -14.70
N ASP B 271 9.34 -8.58 -15.49
CA ASP B 271 8.95 -8.82 -16.88
C ASP B 271 8.05 -10.02 -17.04
N ALA B 272 7.72 -10.73 -15.95
CA ALA B 272 6.61 -11.68 -15.96
C ALA B 272 5.28 -11.00 -15.64
N ALA B 273 5.29 -9.69 -15.49
CA ALA B 273 4.11 -8.94 -15.07
C ALA B 273 3.13 -8.79 -16.22
N ARG B 274 1.84 -8.76 -15.88
CA ARG B 274 0.81 -8.29 -16.80
C ARG B 274 1.23 -6.96 -17.42
N GLY B 275 1.15 -6.89 -18.76
CA GLY B 275 1.49 -5.68 -19.48
C GLY B 275 2.89 -5.66 -20.05
N ASP B 276 3.75 -6.59 -19.67
CA ASP B 276 5.14 -6.60 -20.11
C ASP B 276 5.24 -7.18 -21.52
N PRO B 277 5.77 -6.43 -22.49
CA PRO B 277 5.78 -6.91 -23.88
C PRO B 277 6.90 -7.89 -24.22
N LEU B 278 7.88 -8.11 -23.35
CA LEU B 278 8.90 -9.11 -23.63
C LEU B 278 8.57 -10.49 -23.05
N GLY B 279 7.86 -10.54 -21.93
CA GLY B 279 7.54 -11.80 -21.30
C GLY B 279 6.25 -12.49 -21.70
N GLY B 280 5.17 -11.74 -21.91
CA GLY B 280 3.93 -12.37 -22.32
C GLY B 280 3.19 -13.11 -21.23
N PHE B 281 3.49 -12.85 -19.96
CA PHE B 281 2.84 -13.50 -18.83
C PHE B 281 1.92 -12.48 -18.15
N GLN B 282 1.28 -12.91 -17.05
CA GLN B 282 0.15 -12.17 -16.49
C GLN B 282 0.25 -12.01 -14.97
N VAL B 283 1.44 -12.13 -14.39
CA VAL B 283 1.55 -11.97 -12.95
C VAL B 283 1.19 -10.54 -12.58
N THR B 284 0.34 -10.41 -11.57
CA THR B 284 -0.18 -9.11 -11.15
C THR B 284 0.66 -8.53 -10.02
N PRO B 285 0.47 -7.23 -9.72
CA PRO B 285 1.19 -6.65 -8.58
C PRO B 285 0.88 -7.34 -7.26
N GLU B 286 -0.37 -7.76 -7.07
CA GLU B 286 -0.73 -8.50 -5.85
C GLU B 286 -0.04 -9.85 -5.79
N GLY B 287 0.18 -10.48 -6.94
CA GLY B 287 0.97 -11.71 -6.96
C GLY B 287 2.38 -11.51 -6.44
N TYR B 288 3.06 -10.48 -6.94
CA TYR B 288 4.41 -10.17 -6.46
C TYR B 288 4.41 -9.85 -4.97
N ALA B 289 3.35 -9.19 -4.48
CA ALA B 289 3.26 -8.93 -3.04
C ALA B 289 3.24 -10.22 -2.23
N HIS B 290 2.50 -11.23 -2.69
CA HIS B 290 2.43 -12.48 -1.95
C HIS B 290 3.74 -13.27 -2.03
N LEU B 291 4.44 -13.20 -3.17
CA LEU B 291 5.75 -13.82 -3.25
C LEU B 291 6.72 -13.17 -2.27
N THR B 292 6.70 -11.84 -2.18
CA THR B 292 7.55 -11.14 -1.22
C THR B 292 7.23 -11.57 0.21
N HIS B 293 5.93 -11.62 0.54
CA HIS B 293 5.51 -11.96 1.90
C HIS B 293 5.95 -13.35 2.30
N GLN B 294 5.91 -14.31 1.36
CA GLN B 294 6.35 -15.66 1.67
C GLN B 294 7.86 -15.72 1.92
N LEU B 295 8.64 -14.98 1.14
CA LEU B 295 10.09 -14.97 1.33
C LEU B 295 10.49 -14.30 2.64
N MET B 296 9.67 -13.36 3.12
CA MET B 296 9.95 -12.70 4.39
C MET B 296 9.93 -13.66 5.57
N SER B 297 9.34 -14.84 5.41
CA SER B 297 9.35 -15.84 6.48
C SER B 297 10.69 -16.57 6.59
N LEU B 298 11.62 -16.31 5.69
CA LEU B 298 12.93 -16.96 5.69
C LEU B 298 13.96 -15.99 6.27
N ALA B 299 15.06 -16.57 6.77
CA ALA B 299 16.26 -15.82 7.11
C ALA B 299 15.99 -14.74 8.15
N ALA B 300 15.03 -15.00 9.04
CA ALA B 300 14.58 -14.05 10.07
C ALA B 300 14.14 -12.72 9.45
N GLY B 301 13.63 -12.76 8.22
CA GLY B 301 13.15 -11.57 7.56
C GLY B 301 14.20 -10.75 6.85
N ARG B 302 15.42 -11.26 6.70
CA ARG B 302 16.50 -10.52 6.05
C ARG B 302 16.41 -10.76 4.55
N VAL B 303 15.75 -9.84 3.85
CA VAL B 303 15.44 -9.98 2.43
C VAL B 303 15.95 -8.72 1.71
N LEU B 304 16.67 -8.92 0.62
CA LEU B 304 17.10 -7.83 -0.25
C LEU B 304 16.50 -8.03 -1.64
N ILE B 305 15.69 -7.07 -2.07
CA ILE B 305 15.04 -7.12 -3.37
C ILE B 305 15.86 -6.29 -4.35
N ILE B 306 16.38 -6.96 -5.37
CA ILE B 306 17.29 -6.35 -6.34
C ILE B 306 16.56 -6.30 -7.68
N LEU B 307 16.39 -5.09 -8.22
CA LEU B 307 15.74 -4.97 -9.51
C LEU B 307 16.58 -5.65 -10.58
N GLU B 308 15.92 -6.46 -11.40
CA GLU B 308 16.53 -7.02 -12.60
C GLU B 308 15.87 -6.42 -13.82
N GLY B 309 15.16 -7.23 -14.59
CA GLY B 309 14.44 -6.75 -15.75
C GLY B 309 13.06 -6.26 -15.39
N GLY B 310 12.22 -6.13 -16.41
CA GLY B 310 10.91 -5.54 -16.26
C GLY B 310 10.84 -4.26 -17.09
N TYR B 311 9.95 -4.25 -18.08
CA TYR B 311 10.04 -3.26 -19.14
C TYR B 311 8.79 -2.43 -19.36
N ASN B 312 7.66 -2.77 -18.74
CA ASN B 312 6.48 -1.91 -18.77
C ASN B 312 6.57 -0.98 -17.57
N LEU B 313 6.76 0.32 -17.84
CA LEU B 313 7.08 1.26 -16.77
C LEU B 313 5.97 1.34 -15.74
N THR B 314 4.71 1.29 -16.19
CA THR B 314 3.59 1.29 -15.26
C THR B 314 3.54 0.01 -14.44
N SER B 315 3.75 -1.13 -15.09
N SER B 315 3.78 -1.13 -15.09
CA SER B 315 3.63 -2.42 -14.41
CA SER B 315 3.63 -2.41 -14.40
C SER B 315 4.75 -2.60 -13.38
C SER B 315 4.75 -2.63 -13.39
N ILE B 316 5.98 -2.26 -13.76
CA ILE B 316 7.11 -2.46 -12.84
C ILE B 316 7.00 -1.51 -11.65
N SER B 317 6.50 -0.30 -11.87
CA SER B 317 6.38 0.67 -10.79
C SER B 317 5.37 0.19 -9.75
N GLU B 318 4.21 -0.28 -10.19
CA GLU B 318 3.20 -0.79 -9.28
C GLU B 318 3.67 -2.08 -8.60
N SER B 319 4.33 -2.96 -9.36
CA SER B 319 4.73 -4.25 -8.82
C SER B 319 5.81 -4.09 -7.75
N MET B 320 6.85 -3.31 -8.07
CA MET B 320 7.94 -3.13 -7.11
C MET B 320 7.46 -2.39 -5.87
N SER B 321 6.55 -1.44 -6.03
N SER B 321 6.56 -1.41 -6.04
CA SER B 321 5.97 -0.74 -4.88
CA SER B 321 6.00 -0.72 -4.87
C SER B 321 5.16 -1.68 -4.01
C SER B 321 5.16 -1.65 -4.02
N MET B 322 4.51 -2.68 -4.63
N MET B 322 4.55 -2.67 -4.63
CA MET B 322 3.82 -3.71 -3.84
CA MET B 322 3.84 -3.68 -3.86
C MET B 322 4.80 -4.51 -2.99
C MET B 322 4.80 -4.50 -3.01
N CYS B 323 5.98 -4.79 -3.54
CA CYS B 323 6.98 -5.53 -2.78
C CYS B 323 7.50 -4.71 -1.60
N THR B 324 7.79 -3.43 -1.85
CA THR B 324 8.25 -2.56 -0.76
C THR B 324 7.19 -2.43 0.32
N SER B 325 5.92 -2.32 -0.09
CA SER B 325 4.82 -2.29 0.87
C SER B 325 4.82 -3.51 1.78
N MET B 326 5.07 -4.69 1.21
CA MET B 326 5.18 -5.90 2.02
C MET B 326 6.37 -5.81 2.97
N LEU B 327 7.53 -5.38 2.46
CA LEU B 327 8.72 -5.26 3.30
C LEU B 327 8.48 -4.34 4.49
N LEU B 328 7.66 -3.29 4.31
CA LEU B 328 7.37 -2.36 5.39
C LEU B 328 6.39 -2.93 6.42
N GLY B 329 5.84 -4.11 6.18
CA GLY B 329 4.97 -4.77 7.13
C GLY B 329 3.49 -4.62 6.88
N ASP B 330 3.09 -4.06 5.75
CA ASP B 330 1.67 -3.91 5.45
C ASP B 330 1.04 -5.28 5.20
N SER B 331 -0.26 -5.38 5.45
CA SER B 331 -0.96 -6.64 5.29
C SER B 331 -1.03 -6.99 3.81
N PRO B 332 -0.84 -8.26 3.45
CA PRO B 332 -0.83 -8.66 2.04
C PRO B 332 -2.16 -8.36 1.37
N PRO B 333 -2.14 -7.86 0.14
CA PRO B 333 -3.38 -7.55 -0.56
C PRO B 333 -4.08 -8.82 -0.97
N SER B 334 -5.39 -8.72 -1.21
CA SER B 334 -6.15 -9.90 -1.59
C SER B 334 -5.75 -10.37 -2.99
N LEU B 335 -5.69 -11.68 -3.16
CA LEU B 335 -5.41 -12.31 -4.44
C LEU B 335 -6.69 -12.50 -5.24
N ASP B 336 -6.72 -11.97 -6.47
CA ASP B 336 -7.85 -12.25 -7.36
C ASP B 336 -8.12 -13.74 -7.39
N HIS B 337 -9.38 -14.11 -7.61
CA HIS B 337 -9.87 -15.48 -7.57
C HIS B 337 -8.97 -16.43 -8.36
N LEU B 338 -8.38 -17.42 -7.68
CA LEU B 338 -7.31 -18.21 -8.27
C LEU B 338 -7.84 -19.22 -9.28
N THR B 339 -7.51 -19.00 -10.54
CA THR B 339 -7.81 -19.89 -11.66
C THR B 339 -7.09 -21.24 -11.52
N PRO B 340 -7.78 -22.36 -11.76
CA PRO B 340 -7.10 -23.67 -11.72
C PRO B 340 -5.94 -23.58 -12.70
N LEU B 341 -4.81 -24.21 -12.37
CA LEU B 341 -3.68 -24.08 -13.27
C LEU B 341 -3.80 -24.85 -14.57
N LYS B 342 -3.15 -24.27 -15.58
CA LYS B 342 -2.83 -24.90 -16.85
C LYS B 342 -2.12 -26.23 -16.69
N THR B 343 -2.53 -27.18 -17.53
CA THR B 343 -2.01 -28.55 -17.45
C THR B 343 -0.49 -28.58 -17.52
N SER B 344 0.11 -27.81 -18.43
CA SER B 344 1.56 -27.82 -18.56
C SER B 344 2.28 -27.25 -17.35
N ALA B 345 1.61 -26.41 -16.56
CA ALA B 345 2.25 -25.88 -15.35
C ALA B 345 2.34 -26.96 -14.30
N THR B 346 1.29 -27.78 -14.17
CA THR B 346 1.34 -28.96 -13.31
C THR B 346 2.44 -29.91 -13.77
N VAL B 347 2.57 -30.10 -15.09
CA VAL B 347 3.63 -30.95 -15.64
C VAL B 347 5.00 -30.42 -15.23
N SER B 348 5.21 -29.11 -15.36
CA SER B 348 6.51 -28.53 -15.01
C SER B 348 6.83 -28.72 -13.54
N ILE B 349 5.88 -28.40 -12.66
CA ILE B 349 6.10 -28.54 -11.23
C ILE B 349 6.43 -29.99 -10.87
N ASN B 350 5.70 -30.95 -11.46
CA ASN B 350 5.95 -32.35 -11.15
C ASN B 350 7.30 -32.82 -11.69
N ASN B 351 7.75 -32.28 -12.82
CA ASN B 351 9.08 -32.62 -13.32
C ASN B 351 10.16 -32.16 -12.36
N VAL B 352 10.03 -30.94 -11.83
CA VAL B 352 11.00 -30.43 -10.87
C VAL B 352 10.96 -31.25 -9.58
N LEU B 353 9.76 -31.62 -9.14
CA LEU B 353 9.61 -32.44 -7.95
C LEU B 353 10.35 -33.77 -8.09
N ARG B 354 10.29 -34.38 -9.27
N ARG B 354 10.28 -34.40 -9.27
CA ARG B 354 10.97 -35.66 -9.48
CA ARG B 354 10.98 -35.67 -9.46
C ARG B 354 12.48 -35.49 -9.54
C ARG B 354 12.49 -35.46 -9.51
N ALA B 355 12.95 -34.40 -10.14
CA ALA B 355 14.39 -34.17 -10.28
C ALA B 355 15.05 -33.85 -8.95
N HIS B 356 14.33 -33.19 -8.03
CA HIS B 356 14.91 -32.70 -6.79
C HIS B 356 14.51 -33.48 -5.55
N ALA B 357 13.51 -34.36 -5.64
CA ALA B 357 13.16 -35.24 -4.52
C ALA B 357 14.36 -36.05 -3.99
N PRO B 358 15.31 -36.47 -4.83
CA PRO B 358 16.48 -37.17 -4.28
C PRO B 358 17.33 -36.33 -3.35
N PHE B 359 17.24 -35.00 -3.42
CA PHE B 359 18.13 -34.12 -2.67
C PHE B 359 17.49 -33.43 -1.49
N TRP B 360 16.16 -33.39 -1.41
CA TRP B 360 15.46 -32.58 -0.43
C TRP B 360 14.38 -33.42 0.24
N SER B 361 14.52 -33.64 1.55
CA SER B 361 13.55 -34.42 2.29
CA SER B 361 13.55 -34.43 2.28
C SER B 361 12.19 -33.75 2.34
N SER B 362 12.15 -32.43 2.19
CA SER B 362 10.88 -31.72 2.22
C SER B 362 10.00 -32.07 1.03
N LEU B 363 10.56 -32.66 -0.03
CA LEU B 363 9.75 -32.99 -1.18
C LEU B 363 9.34 -34.45 -1.20
N ARG B 364 9.88 -35.26 -0.28
CA ARG B 364 9.63 -36.69 -0.27
C ARG B 364 8.50 -37.03 0.70
N ASN C 2 -17.79 9.41 -46.28
CA ASN C 2 -17.95 8.18 -47.05
C ASN C 2 -19.43 7.90 -47.33
N ALA C 3 -19.70 7.05 -48.31
CA ALA C 3 -21.06 6.70 -48.67
C ALA C 3 -21.54 5.51 -47.85
N GLY C 4 -22.81 5.56 -47.43
CA GLY C 4 -23.37 4.51 -46.63
C GLY C 4 -22.93 4.50 -45.18
N GLY C 5 -22.30 5.56 -44.69
CA GLY C 5 -21.74 5.54 -43.36
C GLY C 5 -20.32 5.00 -43.31
N SER C 6 -19.70 5.18 -42.15
CA SER C 6 -18.32 4.75 -41.93
C SER C 6 -18.17 4.40 -40.45
N SER C 7 -17.12 3.64 -40.14
CA SER C 7 -16.91 3.24 -38.75
C SER C 7 -16.55 4.48 -37.94
N PRO C 8 -17.05 4.62 -36.71
CA PRO C 8 -16.67 5.84 -36.00
C PRO C 8 -15.19 5.83 -35.66
N ILE C 9 -14.63 7.03 -35.67
CA ILE C 9 -13.20 7.24 -35.46
C ILE C 9 -13.02 8.02 -34.16
N THR C 10 -12.01 7.68 -33.38
CA THR C 10 -11.68 8.51 -32.22
C THR C 10 -10.39 9.23 -32.57
N GLY C 11 -10.37 10.54 -32.37
CA GLY C 11 -9.14 11.28 -32.57
C GLY C 11 -8.32 11.46 -31.32
N LEU C 12 -7.02 11.70 -31.54
CA LEU C 12 -6.10 11.97 -30.46
C LEU C 12 -5.11 13.00 -30.97
N VAL C 13 -4.89 14.06 -30.21
CA VAL C 13 -3.87 15.04 -30.50
C VAL C 13 -2.89 15.07 -29.34
N TYR C 14 -1.60 15.03 -29.64
CA TYR C 14 -0.53 15.12 -28.66
C TYR C 14 0.71 15.60 -29.38
N ASP C 15 1.36 16.61 -28.82
CA ASP C 15 2.60 17.11 -29.41
C ASP C 15 3.58 17.42 -28.30
N GLN C 16 4.78 16.81 -28.40
CA GLN C 16 5.81 16.93 -27.39
C GLN C 16 6.35 18.36 -27.27
N ARG C 17 6.11 19.20 -28.27
CA ARG C 17 6.52 20.60 -28.19
C ARG C 17 5.87 21.32 -27.02
N MET C 18 4.67 20.90 -26.62
CA MET C 18 3.98 21.55 -25.52
C MET C 18 4.63 21.24 -24.17
N MET C 19 5.60 20.33 -24.14
CA MET C 19 6.40 20.07 -22.95
C MET C 19 7.42 21.17 -22.67
N LEU C 20 7.66 22.07 -23.62
CA LEU C 20 8.77 23.01 -23.46
C LEU C 20 8.47 24.06 -22.41
N HIS C 21 7.19 24.38 -22.21
CA HIS C 21 6.79 25.28 -21.14
C HIS C 21 7.14 24.65 -19.80
N HIS C 22 7.89 25.37 -18.97
CA HIS C 22 8.37 24.80 -17.71
C HIS C 22 8.68 25.92 -16.74
N ASN C 23 8.79 25.55 -15.46
CA ASN C 23 9.15 26.50 -14.40
C ASN C 23 10.66 26.44 -14.13
N MET C 24 11.39 27.45 -14.61
CA MET C 24 12.84 27.37 -14.47
C MET C 24 13.31 27.63 -13.04
N TRP C 25 12.44 28.17 -12.18
CA TRP C 25 12.81 28.44 -10.80
C TRP C 25 12.42 27.30 -9.87
N ASP C 26 11.49 26.45 -10.30
CA ASP C 26 10.95 25.41 -9.43
C ASP C 26 10.68 24.25 -10.38
N SER C 27 11.67 23.36 -10.50
CA SER C 27 11.55 22.19 -11.37
C SER C 27 10.59 21.14 -10.82
N HIS C 28 10.10 21.33 -9.59
CA HIS C 28 9.14 20.45 -8.95
C HIS C 28 7.74 21.04 -8.88
N HIS C 29 7.47 22.09 -9.64
CA HIS C 29 6.11 22.61 -9.72
C HIS C 29 5.18 21.51 -10.23
N PRO C 30 4.00 21.35 -9.63
CA PRO C 30 3.15 20.20 -9.97
C PRO C 30 2.71 20.17 -11.43
N GLU C 31 2.66 21.32 -12.09
CA GLU C 31 2.23 21.40 -13.49
C GLU C 31 3.44 21.14 -14.39
N LEU C 32 3.83 19.86 -14.44
CA LEU C 32 5.08 19.35 -14.99
C LEU C 32 4.94 19.13 -16.49
N PRO C 33 6.00 19.37 -17.27
CA PRO C 33 5.99 18.93 -18.68
C PRO C 33 5.63 17.47 -18.89
N GLN C 34 6.11 16.57 -18.02
CA GLN C 34 5.88 15.13 -18.13
C GLN C 34 4.41 14.73 -18.00
N ARG C 35 3.55 15.63 -17.51
CA ARG C 35 2.13 15.32 -17.39
C ARG C 35 1.53 14.82 -18.70
N ILE C 36 1.80 15.49 -19.82
CA ILE C 36 1.16 15.08 -21.06
C ILE C 36 1.86 13.86 -21.64
N SER C 37 3.19 13.79 -21.52
CA SER C 37 3.94 12.65 -22.06
C SER C 37 3.66 11.38 -21.29
N ARG C 38 3.39 11.48 -19.98
CA ARG C 38 3.04 10.29 -19.20
C ARG C 38 1.68 9.76 -19.62
N ILE C 39 0.72 10.64 -19.86
CA ILE C 39 -0.59 10.19 -20.34
C ILE C 39 -0.43 9.53 -21.70
N PHE C 40 0.33 10.17 -22.60
CA PHE C 40 0.56 9.60 -23.92
C PHE C 40 1.24 8.24 -23.83
N SER C 41 2.24 8.13 -22.94
CA SER C 41 2.93 6.86 -22.76
C SER C 41 1.98 5.77 -22.27
N ARG C 42 1.04 6.13 -21.41
CA ARG C 42 0.06 5.15 -20.93
C ARG C 42 -0.86 4.70 -22.06
N HIS C 43 -1.20 5.60 -22.98
CA HIS C 43 -1.99 5.22 -24.14
C HIS C 43 -1.27 4.19 -25.02
N GLU C 44 0.05 4.30 -25.12
CA GLU C 44 0.81 3.30 -25.87
C GLU C 44 0.81 1.95 -25.15
N GLU C 45 1.05 1.96 -23.84
CA GLU C 45 1.11 0.71 -23.09
C GLU C 45 -0.20 -0.06 -23.16
N LEU C 46 -1.33 0.66 -23.11
CA LEU C 46 -2.64 0.02 -23.16
C LEU C 46 -3.11 -0.23 -24.59
N ARG C 47 -2.27 0.04 -25.59
CA ARG C 47 -2.57 -0.26 -27.00
C ARG C 47 -3.79 0.52 -27.48
N LEU C 48 -3.99 1.71 -26.93
CA LEU C 48 -5.08 2.59 -27.34
C LEU C 48 -4.69 3.51 -28.49
N LEU C 49 -3.43 3.94 -28.54
CA LEU C 49 -3.01 4.95 -29.51
C LEU C 49 -3.23 4.48 -30.94
N SER C 50 -2.82 3.25 -31.25
CA SER C 50 -2.93 2.75 -32.62
C SER C 50 -4.38 2.53 -33.06
N ARG C 51 -5.33 2.56 -32.13
CA ARG C 51 -6.74 2.48 -32.47
C ARG C 51 -7.34 3.84 -32.82
N CYS C 52 -6.62 4.92 -32.56
CA CYS C 52 -7.10 6.27 -32.76
C CYS C 52 -6.52 6.85 -34.04
N HIS C 53 -7.23 7.83 -34.60
CA HIS C 53 -6.70 8.65 -35.67
C HIS C 53 -5.92 9.80 -35.08
N ARG C 54 -4.65 9.90 -35.46
CA ARG C 54 -3.78 10.92 -34.89
C ARG C 54 -4.10 12.24 -35.58
N ILE C 55 -4.46 13.23 -34.79
CA ILE C 55 -4.81 14.56 -35.28
C ILE C 55 -3.60 15.46 -35.03
N PRO C 56 -3.12 16.19 -36.03
CA PRO C 56 -1.94 17.03 -35.81
C PRO C 56 -2.26 18.23 -34.94
N ALA C 57 -1.25 18.69 -34.22
CA ALA C 57 -1.31 19.98 -33.56
C ALA C 57 -1.15 21.09 -34.60
N ARG C 58 -1.53 22.29 -34.20
CA ARG C 58 -1.13 23.50 -34.90
C ARG C 58 -1.14 24.65 -33.91
N LEU C 59 -0.64 25.79 -34.34
CA LEU C 59 -0.74 26.98 -33.52
C LEU C 59 -2.10 27.62 -33.75
N ALA C 60 -2.71 28.10 -32.66
CA ALA C 60 -3.78 29.08 -32.78
C ALA C 60 -3.24 30.36 -33.36
N THR C 61 -4.07 31.03 -34.17
CA THR C 61 -3.68 32.36 -34.61
C THR C 61 -4.11 33.39 -33.59
N GLU C 62 -3.50 34.58 -33.67
CA GLU C 62 -3.87 35.67 -32.78
C GLU C 62 -5.32 36.11 -33.00
N GLU C 63 -5.80 36.06 -34.25
CA GLU C 63 -7.19 36.38 -34.53
C GLU C 63 -8.14 35.41 -33.85
N GLU C 64 -7.78 34.12 -33.82
CA GLU C 64 -8.59 33.12 -33.11
C GLU C 64 -8.61 33.38 -31.61
N LEU C 65 -7.45 33.74 -31.03
CA LEU C 65 -7.41 34.06 -29.60
C LEU C 65 -8.36 35.20 -29.25
N ALA C 66 -8.54 36.15 -30.18
CA ALA C 66 -9.44 37.28 -29.96
C ALA C 66 -10.91 36.89 -29.89
N LEU C 67 -11.25 35.64 -30.19
CA LEU C 67 -12.63 35.19 -29.99
C LEU C 67 -13.06 35.29 -28.53
N CYS C 68 -12.13 35.15 -27.58
CA CYS C 68 -12.47 35.20 -26.17
C CYS C 68 -11.63 36.17 -25.34
N HIS C 69 -10.44 36.55 -25.81
CA HIS C 69 -9.49 37.31 -25.00
C HIS C 69 -9.28 38.68 -25.61
N SER C 70 -8.95 39.65 -24.74
CA SER C 70 -8.71 41.00 -25.20
C SER C 70 -7.37 41.10 -25.91
N SER C 71 -7.25 42.11 -26.78
CA SER C 71 -5.99 42.32 -27.48
C SER C 71 -4.89 42.75 -26.51
N LYS C 72 -5.25 43.35 -25.38
CA LYS C 72 -4.25 43.67 -24.36
C LYS C 72 -3.61 42.41 -23.81
N HIS C 73 -4.44 41.43 -23.43
CA HIS C 73 -3.93 40.21 -22.81
C HIS C 73 -3.05 39.44 -23.78
N ILE C 74 -3.48 39.33 -25.03
CA ILE C 74 -2.69 38.66 -26.06
C ILE C 74 -1.33 39.32 -26.20
N SER C 75 -1.30 40.65 -26.26
CA SER C 75 -0.06 41.37 -26.47
C SER C 75 0.92 41.13 -25.33
N ILE C 76 0.44 41.14 -24.09
CA ILE C 76 1.33 41.00 -22.94
C ILE C 76 1.94 39.60 -22.90
N ILE C 77 1.11 38.56 -23.05
CA ILE C 77 1.62 37.19 -23.04
C ILE C 77 2.55 36.94 -24.22
N LYS C 78 2.19 37.45 -25.41
CA LYS C 78 3.05 37.31 -26.59
C LYS C 78 4.44 37.86 -26.36
N SER C 79 4.56 38.98 -25.64
CA SER C 79 5.86 39.59 -25.47
C SER C 79 6.82 38.73 -24.65
N SER C 80 6.29 37.78 -23.87
CA SER C 80 7.13 36.95 -23.02
C SER C 80 8.05 35.99 -23.78
N GLU C 81 7.75 35.71 -25.06
CA GLU C 81 8.60 34.82 -25.83
C GLU C 81 10.04 35.33 -25.92
N HIS C 82 10.21 36.66 -25.84
CA HIS C 82 11.52 37.28 -26.04
C HIS C 82 12.11 37.85 -24.74
N MET C 83 11.51 37.56 -23.59
CA MET C 83 11.90 38.15 -22.32
C MET C 83 13.06 37.39 -21.69
N LYS C 84 13.89 38.14 -20.94
CA LYS C 84 14.95 37.59 -20.11
C LYS C 84 14.41 37.04 -18.78
N PRO C 85 15.22 36.19 -18.12
CA PRO C 85 14.74 35.54 -16.88
C PRO C 85 14.19 36.45 -15.80
N ARG C 86 14.85 37.58 -15.53
CA ARG C 86 14.38 38.49 -14.49
C ARG C 86 12.97 39.00 -14.77
N ASP C 87 12.70 39.36 -16.03
CA ASP C 87 11.40 39.87 -16.44
C ASP C 87 10.35 38.77 -16.53
N LEU C 88 10.74 37.56 -16.93
CA LEU C 88 9.79 36.45 -16.92
C LEU C 88 9.28 36.21 -15.51
N ASN C 89 10.17 36.30 -14.52
CA ASN C 89 9.76 36.12 -13.13
C ASN C 89 8.84 37.26 -12.69
N ARG C 90 9.21 38.50 -13.00
CA ARG C 90 8.39 39.66 -12.65
C ARG C 90 7.02 39.62 -13.32
N LEU C 91 6.97 39.26 -14.60
CA LEU C 91 5.70 39.21 -15.30
C LEU C 91 4.79 38.13 -14.72
N GLY C 92 5.33 36.94 -14.49
CA GLY C 92 4.54 35.86 -13.91
C GLY C 92 3.96 36.19 -12.56
N ASP C 93 4.72 36.93 -11.74
CA ASP C 93 4.26 37.33 -10.40
C ASP C 93 3.13 38.36 -10.44
N GLU C 94 2.84 38.93 -11.60
CA GLU C 94 1.72 39.84 -11.75
C GLU C 94 0.38 39.12 -11.80
N TYR C 95 0.39 37.79 -11.85
CA TYR C 95 -0.82 36.98 -11.95
C TYR C 95 -0.94 36.09 -10.73
N ASN C 96 -2.13 35.53 -10.55
CA ASN C 96 -2.36 34.55 -9.50
C ASN C 96 -1.91 33.17 -9.99
N SER C 97 -0.77 32.71 -9.46
CA SER C 97 -0.24 31.37 -9.69
C SER C 97 0.03 31.15 -11.18
N ILE C 98 1.08 31.80 -11.67
CA ILE C 98 1.52 31.67 -13.07
C ILE C 98 3.04 31.64 -13.08
N PHE C 99 3.60 30.71 -13.83
CA PHE C 99 5.00 30.76 -14.24
C PHE C 99 5.10 30.83 -15.76
N ILE C 100 6.15 31.48 -16.26
CA ILE C 100 6.31 31.75 -17.68
C ILE C 100 7.75 31.46 -18.08
N SER C 101 7.91 30.81 -19.23
CA SER C 101 9.20 30.65 -19.90
C SER C 101 9.12 31.24 -21.30
N ASN C 102 10.22 31.12 -22.05
CA ASN C 102 10.25 31.64 -23.42
C ASN C 102 9.34 30.83 -24.34
N GLU C 103 9.08 29.57 -23.98
CA GLU C 103 8.25 28.65 -24.78
C GLU C 103 6.78 28.68 -24.38
N SER C 104 6.42 29.43 -23.33
CA SER C 104 5.07 29.37 -22.79
C SER C 104 4.03 29.81 -23.81
N TYR C 105 4.30 30.94 -24.49
CA TYR C 105 3.35 31.47 -25.47
C TYR C 105 3.07 30.45 -26.58
N THR C 106 4.13 29.88 -27.15
CA THR C 106 3.97 28.89 -28.20
C THR C 106 3.18 27.68 -27.72
N CYS C 107 3.46 27.20 -26.51
CA CYS C 107 2.73 26.05 -25.97
C CYS C 107 1.24 26.36 -25.79
N ALA C 108 0.92 27.57 -25.29
CA ALA C 108 -0.49 27.93 -25.16
C ALA C 108 -1.16 27.98 -26.53
N LEU C 109 -0.45 28.50 -27.54
CA LEU C 109 -0.98 28.49 -28.90
C LEU C 109 -1.20 27.06 -29.40
N LEU C 110 -0.27 26.17 -29.09
CA LEU C 110 -0.40 24.78 -29.53
C LEU C 110 -1.54 24.07 -28.84
N ALA C 111 -1.74 24.35 -27.55
CA ALA C 111 -2.87 23.75 -26.82
C ALA C 111 -4.19 24.16 -27.44
N ALA C 112 -4.36 25.45 -27.72
CA ALA C 112 -5.59 25.93 -28.35
C ALA C 112 -5.76 25.36 -29.76
N GLY C 113 -4.70 25.48 -30.59
CA GLY C 113 -4.80 25.00 -31.95
C GLY C 113 -5.03 23.51 -32.07
N SER C 114 -4.46 22.73 -31.14
CA SER C 114 -4.73 21.30 -31.11
C SER C 114 -6.22 21.02 -30.91
N CYS C 115 -6.87 21.77 -30.02
CA CYS C 115 -8.29 21.57 -29.78
C CYS C 115 -9.14 22.11 -30.93
N PHE C 116 -8.71 23.19 -31.57
CA PHE C 116 -9.42 23.67 -32.75
C PHE C 116 -9.42 22.61 -33.85
N ASN C 117 -8.26 22.01 -34.11
CA ASN C 117 -8.20 20.96 -35.13
C ASN C 117 -9.08 19.77 -34.74
N SER C 118 -9.12 19.43 -33.45
CA SER C 118 -9.93 18.31 -33.01
C SER C 118 -11.42 18.63 -33.13
N ALA C 119 -11.82 19.84 -32.72
CA ALA C 119 -13.20 20.27 -32.89
C ALA C 119 -13.57 20.29 -34.37
N GLN C 120 -12.67 20.76 -35.22
CA GLN C 120 -12.92 20.79 -36.66
C GLN C 120 -13.12 19.39 -37.21
N ALA C 121 -12.28 18.44 -36.78
CA ALA C 121 -12.42 17.06 -37.22
C ALA C 121 -13.76 16.47 -36.80
N ILE C 122 -14.20 16.78 -35.57
CA ILE C 122 -15.50 16.29 -35.11
C ILE C 122 -16.63 16.91 -35.92
N LEU C 123 -16.60 18.23 -36.08
CA LEU C 123 -17.73 18.93 -36.69
C LEU C 123 -17.84 18.70 -38.19
N THR C 124 -16.74 18.32 -38.85
CA THR C 124 -16.76 17.96 -40.26
C THR C 124 -16.99 16.48 -40.48
N GLY C 125 -17.10 15.69 -39.42
CA GLY C 125 -17.33 14.26 -39.55
C GLY C 125 -16.10 13.43 -39.83
N GLN C 126 -14.90 14.01 -39.77
CA GLN C 126 -13.69 13.23 -39.94
C GLN C 126 -13.52 12.22 -38.80
N VAL C 127 -13.89 12.61 -37.58
CA VAL C 127 -13.95 11.72 -36.44
C VAL C 127 -15.29 11.95 -35.72
N ARG C 128 -15.69 10.96 -34.91
CA ARG C 128 -16.88 11.13 -34.09
C ARG C 128 -16.56 11.90 -32.82
N ASN C 129 -15.41 11.61 -32.21
CA ASN C 129 -15.04 12.18 -30.92
C ASN C 129 -13.52 12.23 -30.87
N ALA C 130 -12.99 12.84 -29.81
CA ALA C 130 -11.54 13.01 -29.73
C ALA C 130 -11.13 13.36 -28.31
N VAL C 131 -9.84 13.15 -28.04
CA VAL C 131 -9.22 13.46 -26.75
C VAL C 131 -8.00 14.32 -27.03
N ALA C 132 -7.83 15.39 -26.26
CA ALA C 132 -6.76 16.35 -26.48
C ALA C 132 -5.84 16.39 -25.27
N ILE C 133 -4.62 15.88 -25.45
CA ILE C 133 -3.66 15.77 -24.36
C ILE C 133 -2.73 16.97 -24.47
N VAL C 134 -3.16 18.09 -23.88
CA VAL C 134 -2.57 19.40 -24.10
C VAL C 134 -2.23 20.01 -22.75
N ARG C 135 -1.23 20.89 -22.74
CA ARG C 135 -0.95 21.74 -21.60
C ARG C 135 -0.27 23.00 -22.10
N PRO C 136 -0.27 24.08 -21.29
CA PRO C 136 -0.95 24.33 -20.01
C PRO C 136 -2.48 24.31 -20.10
N PRO C 137 -3.16 24.17 -18.95
CA PRO C 137 -4.63 24.17 -18.96
C PRO C 137 -5.21 25.55 -19.26
N GLY C 138 -6.53 25.66 -19.37
CA GLY C 138 -7.14 26.89 -19.83
C GLY C 138 -8.24 27.50 -18.99
N HIS C 139 -8.95 26.71 -18.17
CA HIS C 139 -10.28 27.13 -17.74
C HIS C 139 -10.23 28.24 -16.70
N HIS C 140 -9.09 28.48 -16.06
CA HIS C 140 -8.96 29.61 -15.14
C HIS C 140 -8.61 30.91 -15.86
N ALA C 141 -8.23 30.85 -17.13
CA ALA C 141 -7.86 32.05 -17.87
C ALA C 141 -9.08 32.92 -18.16
N GLU C 142 -8.96 34.21 -17.86
CA GLU C 142 -10.04 35.16 -18.04
C GLU C 142 -9.84 35.94 -19.34
N LYS C 143 -10.86 36.75 -19.68
CA LYS C 143 -10.77 37.62 -20.85
C LYS C 143 -9.50 38.46 -20.82
N ASP C 144 -9.19 39.03 -19.65
CA ASP C 144 -8.16 40.06 -19.53
C ASP C 144 -6.96 39.61 -18.70
N THR C 145 -6.90 38.35 -18.27
CA THR C 145 -5.80 37.97 -17.41
C THR C 145 -5.55 36.47 -17.43
N ALA C 146 -4.32 36.09 -17.13
CA ALA C 146 -3.95 34.70 -16.90
C ALA C 146 -4.18 34.38 -15.43
N CYS C 147 -4.34 33.08 -15.14
CA CYS C 147 -4.61 32.67 -13.77
C CYS C 147 -4.48 31.15 -13.67
N GLY C 148 -3.96 30.69 -12.53
CA GLY C 148 -4.07 29.29 -12.16
C GLY C 148 -3.50 28.34 -13.20
N PHE C 149 -2.30 28.65 -13.69
CA PHE C 149 -1.50 27.86 -14.63
C PHE C 149 -2.03 28.05 -16.05
N CYS C 150 -3.04 28.88 -16.25
CA CYS C 150 -3.72 29.02 -17.53
C CYS C 150 -3.44 30.41 -18.12
N PHE C 151 -3.13 30.43 -19.42
CA PHE C 151 -2.86 31.67 -20.15
C PHE C 151 -4.07 32.05 -21.01
N PHE C 152 -4.57 31.11 -21.81
CA PHE C 152 -5.73 31.31 -22.65
C PHE C 152 -6.72 30.20 -22.34
N ASN C 153 -8.01 30.49 -22.51
CA ASN C 153 -9.06 29.57 -22.11
C ASN C 153 -9.34 28.63 -23.28
N THR C 154 -8.56 27.56 -23.34
CA THR C 154 -8.63 26.60 -24.44
C THR C 154 -10.06 26.14 -24.70
N ALA C 155 -10.77 25.71 -23.66
CA ALA C 155 -12.13 25.21 -23.84
C ALA C 155 -13.06 26.31 -24.33
N ALA C 156 -12.97 27.49 -23.74
CA ALA C 156 -13.84 28.59 -24.17
C ALA C 156 -13.56 28.99 -25.61
N LEU C 157 -12.27 29.08 -25.98
CA LEU C 157 -11.92 29.39 -27.36
C LEU C 157 -12.45 28.33 -28.32
N THR C 158 -12.38 27.06 -27.93
CA THR C 158 -12.86 25.99 -28.80
C THR C 158 -14.36 26.08 -29.01
N ALA C 159 -15.11 26.41 -27.96
CA ALA C 159 -16.54 26.62 -28.09
C ALA C 159 -16.85 27.72 -29.10
N ARG C 160 -16.15 28.85 -29.00
CA ARG C 160 -16.36 29.95 -29.94
C ARG C 160 -15.87 29.60 -31.33
N TYR C 161 -14.75 28.87 -31.42
CA TYR C 161 -14.23 28.44 -32.71
C TYR C 161 -15.23 27.54 -33.42
N ALA C 162 -15.81 26.59 -32.69
CA ALA C 162 -16.82 25.69 -33.28
C ALA C 162 -17.96 26.49 -33.90
N GLN C 163 -18.46 27.50 -33.18
CA GLN C 163 -19.52 28.34 -33.71
C GLN C 163 -19.07 29.09 -34.96
N SER C 164 -17.80 29.53 -35.00
CA SER C 164 -17.32 30.30 -36.14
C SER C 164 -17.27 29.48 -37.42
N ILE C 165 -17.10 28.15 -37.31
CA ILE C 165 -17.02 27.30 -38.51
C ILE C 165 -18.31 26.57 -38.79
N THR C 166 -19.37 26.82 -38.01
CA THR C 166 -20.68 26.21 -38.28
C THR C 166 -21.78 27.26 -38.30
N ARG C 167 -22.17 27.73 -37.12
CA ARG C 167 -23.23 28.71 -36.97
C ARG C 167 -23.07 29.38 -35.61
N GLU C 168 -23.38 30.68 -35.55
CA GLU C 168 -23.14 31.45 -34.33
C GLU C 168 -23.90 30.87 -33.15
N SER C 169 -25.10 30.34 -33.39
CA SER C 169 -26.00 29.84 -32.34
C SER C 169 -25.72 28.40 -31.95
N LEU C 170 -24.70 27.77 -32.55
CA LEU C 170 -24.36 26.38 -32.27
C LEU C 170 -24.29 26.14 -30.77
N ARG C 171 -25.11 25.19 -30.30
CA ARG C 171 -25.24 24.93 -28.86
C ARG C 171 -24.10 24.05 -28.39
N VAL C 172 -23.23 24.61 -27.55
CA VAL C 172 -22.06 23.92 -27.01
C VAL C 172 -22.29 23.70 -25.53
N LEU C 173 -22.16 22.45 -25.08
CA LEU C 173 -22.13 22.16 -23.66
C LEU C 173 -20.67 21.99 -23.23
N ILE C 174 -20.28 22.71 -22.18
CA ILE C 174 -19.00 22.50 -21.52
C ILE C 174 -19.26 21.89 -20.15
N VAL C 175 -18.78 20.67 -19.95
CA VAL C 175 -18.81 20.02 -18.64
C VAL C 175 -17.40 20.08 -18.05
N ASP C 176 -17.28 20.69 -16.87
CA ASP C 176 -15.98 20.94 -16.24
C ASP C 176 -15.92 20.13 -14.96
N TRP C 177 -15.25 18.97 -15.02
CA TRP C 177 -15.16 18.09 -13.86
C TRP C 177 -13.81 18.19 -13.15
N ASP C 178 -12.94 19.09 -13.59
CA ASP C 178 -11.78 19.48 -12.79
C ASP C 178 -12.23 19.86 -11.37
N VAL C 179 -11.37 19.54 -10.40
CA VAL C 179 -11.75 19.80 -9.00
C VAL C 179 -11.88 21.29 -8.72
N HIS C 180 -11.32 22.15 -9.56
CA HIS C 180 -11.42 23.59 -9.35
C HIS C 180 -12.52 24.17 -10.22
N HIS C 181 -13.09 25.26 -9.74
CA HIS C 181 -14.09 25.99 -10.53
C HIS C 181 -13.43 26.65 -11.72
N GLY C 182 -14.04 26.53 -12.90
CA GLY C 182 -13.57 27.25 -14.06
C GLY C 182 -14.10 28.66 -14.14
N ASN C 183 -13.55 29.54 -13.29
CA ASN C 183 -14.02 30.92 -13.23
C ASN C 183 -13.98 31.60 -14.60
N GLY C 184 -12.92 31.35 -15.36
CA GLY C 184 -12.79 31.99 -16.66
C GLY C 184 -13.85 31.55 -17.64
N THR C 185 -14.11 30.23 -17.68
CA THR C 185 -15.13 29.72 -18.59
C THR C 185 -16.52 30.28 -18.24
N GLN C 186 -16.87 30.26 -16.95
CA GLN C 186 -18.15 30.84 -16.52
C GLN C 186 -18.30 32.29 -16.97
N HIS C 187 -17.29 33.11 -16.74
CA HIS C 187 -17.43 34.54 -17.02
C HIS C 187 -17.56 34.81 -18.51
N ILE C 188 -16.77 34.11 -19.34
CA ILE C 188 -16.86 34.32 -20.78
C ILE C 188 -18.27 34.05 -21.28
N PHE C 189 -18.92 33.00 -20.76
CA PHE C 189 -20.23 32.57 -21.25
C PHE C 189 -21.39 32.90 -20.31
N GLU C 190 -21.16 33.69 -19.25
CA GLU C 190 -22.21 33.84 -18.24
C GLU C 190 -23.47 34.47 -18.81
N GLU C 191 -23.35 35.30 -19.84
CA GLU C 191 -24.49 35.94 -20.46
C GLU C 191 -24.91 35.27 -21.77
N ASP C 192 -24.46 34.03 -21.99
CA ASP C 192 -24.59 33.36 -23.28
C ASP C 192 -25.50 32.15 -23.12
N ASP C 193 -26.58 32.12 -23.87
CA ASP C 193 -27.49 30.98 -23.87
C ASP C 193 -27.15 29.94 -24.93
N SER C 194 -26.11 30.17 -25.73
CA SER C 194 -25.67 29.21 -26.73
C SER C 194 -24.59 28.27 -26.21
N VAL C 195 -24.01 28.58 -25.05
CA VAL C 195 -22.97 27.76 -24.43
C VAL C 195 -23.40 27.49 -23.00
N LEU C 196 -23.77 26.25 -22.71
CA LEU C 196 -24.14 25.83 -21.36
C LEU C 196 -22.89 25.38 -20.63
N TYR C 197 -22.61 26.02 -19.49
CA TYR C 197 -21.46 25.68 -18.66
C TYR C 197 -21.95 24.96 -17.41
N ILE C 198 -21.44 23.75 -17.18
CA ILE C 198 -21.73 22.98 -15.99
C ILE C 198 -20.41 22.61 -15.35
N SER C 199 -20.17 23.09 -14.13
CA SER C 199 -18.95 22.78 -13.39
C SER C 199 -19.29 22.05 -12.09
N LEU C 200 -18.52 21.00 -11.81
CA LEU C 200 -18.45 20.39 -10.50
C LEU C 200 -17.11 20.74 -9.90
N HIS C 201 -17.09 21.10 -8.62
CA HIS C 201 -15.85 21.58 -8.03
C HIS C 201 -15.91 21.57 -6.51
N ARG C 202 -14.76 21.36 -5.90
CA ARG C 202 -14.60 21.56 -4.47
C ARG C 202 -14.69 23.05 -4.16
N TYR C 203 -15.56 23.41 -3.21
CA TYR C 203 -15.89 24.81 -2.96
C TYR C 203 -15.55 25.24 -1.54
N GLU C 204 -15.97 24.48 -0.54
CA GLU C 204 -15.66 24.77 0.87
C GLU C 204 -16.04 26.21 1.21
N ASP C 205 -17.26 26.59 0.82
CA ASP C 205 -17.82 27.91 1.14
C ASP C 205 -16.95 29.05 0.64
N GLY C 206 -16.30 28.84 -0.50
CA GLY C 206 -15.45 29.85 -1.10
C GLY C 206 -14.02 29.88 -0.61
N ALA C 207 -13.61 28.91 0.21
CA ALA C 207 -12.26 28.88 0.75
C ALA C 207 -11.30 28.08 -0.12
N PHE C 208 -11.79 27.35 -1.11
CA PHE C 208 -10.95 26.56 -2.00
C PHE C 208 -10.70 27.34 -3.29
N PHE C 209 -9.50 27.18 -3.83
CA PHE C 209 -9.13 27.87 -5.06
C PHE C 209 -10.21 27.66 -6.12
N PRO C 210 -10.62 28.71 -6.85
CA PRO C 210 -10.03 30.06 -6.90
C PRO C 210 -10.61 31.09 -5.91
N ASN C 211 -11.27 30.63 -4.84
CA ASN C 211 -11.51 31.47 -3.66
C ASN C 211 -12.54 32.57 -3.97
N SER C 212 -13.52 32.26 -4.81
CA SER C 212 -14.55 33.21 -5.19
C SER C 212 -15.94 32.60 -5.00
N GLU C 213 -16.87 33.40 -4.47
CA GLU C 213 -18.26 32.98 -4.37
C GLU C 213 -18.96 32.90 -5.72
N ASP C 214 -18.29 33.27 -6.81
CA ASP C 214 -18.83 33.02 -8.14
C ASP C 214 -19.06 31.53 -8.40
N ALA C 215 -18.41 30.67 -7.62
CA ALA C 215 -18.48 29.22 -7.77
C ALA C 215 -19.67 28.61 -7.05
N ASN C 216 -20.49 29.41 -6.37
CA ASN C 216 -21.59 28.86 -5.59
C ASN C 216 -22.75 28.47 -6.51
N TYR C 217 -23.70 27.70 -5.94
CA TYR C 217 -24.79 27.15 -6.74
C TYR C 217 -25.77 28.22 -7.22
N ASP C 218 -25.88 29.33 -6.50
CA ASP C 218 -26.86 30.35 -6.84
C ASP C 218 -26.44 31.22 -8.03
N LYS C 219 -25.26 30.98 -8.59
CA LYS C 219 -24.79 31.74 -9.74
C LYS C 219 -25.30 31.02 -10.98
N VAL C 220 -26.40 31.52 -11.56
CA VAL C 220 -27.12 30.83 -12.61
C VAL C 220 -26.94 31.48 -13.97
N GLY C 221 -26.17 32.55 -14.08
CA GLY C 221 -26.07 33.30 -15.30
C GLY C 221 -26.82 34.62 -15.23
N LEU C 222 -26.51 35.48 -16.19
CA LEU C 222 -27.01 36.85 -16.21
C LEU C 222 -27.72 37.09 -17.53
N GLY C 223 -28.79 37.89 -17.47
CA GLY C 223 -29.47 38.31 -18.68
C GLY C 223 -30.03 37.11 -19.42
N LYS C 224 -29.80 37.06 -20.73
CA LYS C 224 -30.27 35.93 -21.53
C LYS C 224 -29.59 34.61 -21.14
N GLY C 225 -28.47 34.66 -20.44
CA GLY C 225 -27.81 33.47 -19.94
C GLY C 225 -28.33 32.87 -18.66
N ARG C 226 -29.39 33.43 -18.07
CA ARG C 226 -29.94 32.89 -16.84
C ARG C 226 -30.43 31.45 -17.04
N GLY C 227 -29.93 30.55 -16.19
CA GLY C 227 -30.19 29.13 -16.31
C GLY C 227 -29.11 28.35 -17.03
N TYR C 228 -28.21 29.02 -17.74
CA TYR C 228 -27.24 28.34 -18.58
C TYR C 228 -25.86 28.29 -17.93
N ASN C 229 -25.80 28.51 -16.61
CA ASN C 229 -24.58 28.34 -15.83
C ASN C 229 -24.93 27.52 -14.60
N VAL C 230 -24.37 26.32 -14.50
CA VAL C 230 -24.71 25.38 -13.44
C VAL C 230 -23.44 25.06 -12.66
N ASN C 231 -23.36 25.60 -11.44
CA ASN C 231 -22.26 25.30 -10.53
C ASN C 231 -22.73 24.29 -9.51
N ILE C 232 -21.98 23.19 -9.37
CA ILE C 232 -22.29 22.16 -8.39
C ILE C 232 -21.19 22.14 -7.35
N PRO C 233 -21.34 22.87 -6.25
CA PRO C 233 -20.23 23.06 -5.32
C PRO C 233 -20.27 22.09 -4.15
N TRP C 234 -19.13 21.46 -3.85
CA TRP C 234 -19.03 20.50 -2.76
C TRP C 234 -18.43 21.18 -1.54
N ASN C 235 -19.04 20.95 -0.38
CA ASN C 235 -18.55 21.46 0.89
C ASN C 235 -18.49 20.30 1.87
N GLY C 236 -17.35 20.16 2.55
CA GLY C 236 -17.17 19.17 3.59
C GLY C 236 -17.29 17.73 3.14
N GLY C 237 -16.17 17.03 3.05
CA GLY C 237 -16.18 15.63 2.68
C GLY C 237 -15.30 15.30 1.50
N LYS C 238 -14.71 14.12 1.49
CA LYS C 238 -13.88 13.66 0.38
C LYS C 238 -14.79 12.97 -0.62
N MET C 239 -15.17 13.69 -1.68
CA MET C 239 -16.14 13.10 -2.59
C MET C 239 -15.43 12.14 -3.55
N GLY C 240 -16.22 11.22 -4.10
CA GLY C 240 -15.71 10.20 -4.99
C GLY C 240 -16.80 9.78 -5.95
N ASP C 241 -16.68 8.54 -6.46
CA ASP C 241 -17.60 8.04 -7.48
C ASP C 241 -19.07 8.17 -7.09
N PRO C 242 -19.51 7.78 -5.89
CA PRO C 242 -20.94 7.87 -5.57
C PRO C 242 -21.48 9.28 -5.73
N GLU C 243 -20.73 10.28 -5.27
CA GLU C 243 -21.20 11.65 -5.30
C GLU C 243 -21.28 12.19 -6.72
N TYR C 244 -20.25 11.91 -7.53
CA TYR C 244 -20.26 12.37 -8.91
C TYR C 244 -21.34 11.65 -9.73
N MET C 245 -21.58 10.37 -9.44
CA MET C 245 -22.64 9.66 -10.14
C MET C 245 -24.01 10.21 -9.81
N ALA C 246 -24.21 10.68 -8.57
CA ALA C 246 -25.50 11.26 -8.20
C ALA C 246 -25.71 12.62 -8.84
N ALA C 247 -24.68 13.46 -8.87
CA ALA C 247 -24.81 14.77 -9.50
C ALA C 247 -25.10 14.64 -10.99
N PHE C 248 -24.48 13.67 -11.66
CA PHE C 248 -24.78 13.45 -13.07
C PHE C 248 -26.21 12.95 -13.25
N HIS C 249 -26.65 12.04 -12.39
CA HIS C 249 -27.98 11.46 -12.54
C HIS C 249 -29.06 12.52 -12.32
N HIS C 250 -28.89 13.36 -11.30
CA HIS C 250 -29.94 14.28 -10.89
C HIS C 250 -29.83 15.64 -11.57
N LEU C 251 -28.66 16.02 -12.06
CA LEU C 251 -28.44 17.38 -12.52
C LEU C 251 -27.81 17.46 -13.91
N VAL C 252 -26.59 16.94 -14.05
CA VAL C 252 -25.81 17.15 -15.27
C VAL C 252 -26.54 16.57 -16.48
N MET C 253 -26.94 15.30 -16.39
CA MET C 253 -27.51 14.62 -17.55
C MET C 253 -28.92 15.10 -17.87
N PRO C 254 -29.80 15.34 -16.89
CA PRO C 254 -31.12 15.88 -17.22
C PRO C 254 -31.07 17.25 -17.88
N ILE C 255 -30.24 18.16 -17.35
CA ILE C 255 -30.12 19.49 -17.94
C ILE C 255 -29.53 19.39 -19.35
N ALA C 256 -28.46 18.61 -19.49
CA ALA C 256 -27.80 18.47 -20.79
C ALA C 256 -28.75 17.93 -21.86
N ARG C 257 -29.55 16.91 -21.51
CA ARG C 257 -30.46 16.34 -22.50
C ARG C 257 -31.53 17.32 -22.94
N GLU C 258 -31.99 18.19 -22.04
CA GLU C 258 -32.97 19.20 -22.40
C GLU C 258 -32.33 20.31 -23.24
N PHE C 259 -31.08 20.67 -22.93
CA PHE C 259 -30.38 21.66 -23.73
C PHE C 259 -30.11 21.16 -25.14
N ALA C 260 -29.87 19.85 -25.30
CA ALA C 260 -29.64 19.21 -26.59
C ALA C 260 -28.41 19.79 -27.28
N PRO C 261 -27.21 19.66 -26.69
CA PRO C 261 -26.02 20.25 -27.32
C PRO C 261 -25.75 19.61 -28.68
N GLU C 262 -25.07 20.38 -29.52
CA GLU C 262 -24.58 19.88 -30.81
C GLU C 262 -23.11 19.54 -30.78
N LEU C 263 -22.41 19.92 -29.71
CA LEU C 263 -21.02 19.56 -29.48
C LEU C 263 -20.82 19.59 -27.97
N VAL C 264 -20.12 18.60 -27.44
CA VAL C 264 -19.77 18.58 -26.02
C VAL C 264 -18.27 18.70 -25.89
N LEU C 265 -17.83 19.68 -25.11
CA LEU C 265 -16.45 19.83 -24.70
C LEU C 265 -16.35 19.48 -23.23
N VAL C 266 -15.38 18.66 -22.86
CA VAL C 266 -15.12 18.34 -21.47
C VAL C 266 -13.83 19.04 -21.06
N SER C 267 -13.93 19.93 -20.07
CA SER C 267 -12.76 20.44 -19.38
C SER C 267 -12.36 19.39 -18.36
N ALA C 268 -11.52 18.45 -18.81
CA ALA C 268 -11.28 17.22 -18.07
C ALA C 268 -9.97 17.34 -17.29
N GLY C 269 -10.03 18.07 -16.18
CA GLY C 269 -8.99 17.93 -15.18
C GLY C 269 -9.16 16.64 -14.41
N PHE C 270 -8.05 16.11 -13.93
CA PHE C 270 -8.04 14.90 -13.12
C PHE C 270 -7.50 15.15 -11.72
N ASP C 271 -7.69 16.36 -11.20
CA ASP C 271 -7.23 16.68 -9.85
C ASP C 271 -8.27 16.38 -8.79
N ALA C 272 -9.46 15.90 -9.16
CA ALA C 272 -10.37 15.30 -8.20
C ALA C 272 -10.10 13.81 -8.01
N ALA C 273 -9.04 13.29 -8.65
CA ALA C 273 -8.77 11.86 -8.64
C ALA C 273 -8.15 11.44 -7.32
N ARG C 274 -8.48 10.22 -6.90
CA ARG C 274 -7.72 9.53 -5.86
C ARG C 274 -6.22 9.60 -6.14
N GLY C 275 -5.45 10.03 -5.14
CA GLY C 275 -4.01 10.13 -5.28
C GLY C 275 -3.50 11.52 -5.62
N ASP C 276 -4.40 12.44 -5.96
CA ASP C 276 -4.02 13.80 -6.38
C ASP C 276 -3.72 14.63 -5.14
N PRO C 277 -2.51 15.20 -5.03
CA PRO C 277 -2.16 15.92 -3.81
C PRO C 277 -2.70 17.34 -3.72
N LEU C 278 -3.26 17.89 -4.79
CA LEU C 278 -3.89 19.21 -4.72
C LEU C 278 -5.39 19.17 -4.43
N GLY C 279 -6.10 18.14 -4.87
CA GLY C 279 -7.54 18.06 -4.69
C GLY C 279 -8.15 17.41 -3.46
N GLY C 280 -7.59 16.30 -2.99
CA GLY C 280 -8.12 15.64 -1.79
C GLY C 280 -9.39 14.85 -1.99
N PHE C 281 -9.77 14.53 -3.22
CA PHE C 281 -10.97 13.77 -3.52
C PHE C 281 -10.57 12.36 -3.96
N GLN C 282 -11.57 11.55 -4.32
CA GLN C 282 -11.32 10.12 -4.45
C GLN C 282 -11.91 9.50 -5.72
N VAL C 283 -12.17 10.30 -6.76
CA VAL C 283 -12.71 9.73 -7.99
C VAL C 283 -11.71 8.78 -8.61
N THR C 284 -12.16 7.60 -8.98
CA THR C 284 -11.32 6.53 -9.49
C THR C 284 -11.29 6.56 -11.02
N PRO C 285 -10.35 5.84 -11.63
CA PRO C 285 -10.37 5.77 -13.11
C PRO C 285 -11.67 5.21 -13.65
N GLU C 286 -12.24 4.22 -12.96
CA GLU C 286 -13.53 3.67 -13.38
C GLU C 286 -14.65 4.69 -13.25
N GLY C 287 -14.58 5.56 -12.24
CA GLY C 287 -15.54 6.65 -12.13
C GLY C 287 -15.50 7.57 -13.34
N TYR C 288 -14.30 8.01 -13.73
CA TYR C 288 -14.16 8.85 -14.91
C TYR C 288 -14.67 8.15 -16.17
N ALA C 289 -14.47 6.83 -16.26
CA ALA C 289 -14.98 6.07 -17.39
C ALA C 289 -16.50 6.16 -17.47
N HIS C 290 -17.18 6.05 -16.33
CA HIS C 290 -18.64 6.10 -16.34
C HIS C 290 -19.17 7.49 -16.63
N LEU C 291 -18.47 8.53 -16.17
CA LEU C 291 -18.84 9.90 -16.53
C LEU C 291 -18.73 10.12 -18.03
N THR C 292 -17.64 9.63 -18.63
CA THR C 292 -17.44 9.74 -20.06
C THR C 292 -18.56 9.02 -20.83
N HIS C 293 -18.88 7.80 -20.40
CA HIS C 293 -19.87 6.98 -21.09
C HIS C 293 -21.24 7.65 -21.12
N GLN C 294 -21.63 8.33 -20.02
CA GLN C 294 -22.91 9.02 -20.03
C GLN C 294 -22.90 10.21 -20.99
N LEU C 295 -21.79 10.95 -21.04
CA LEU C 295 -21.70 12.11 -21.92
C LEU C 295 -21.74 11.70 -23.40
N MET C 296 -21.28 10.50 -23.72
CA MET C 296 -21.32 10.01 -25.09
C MET C 296 -22.75 9.89 -25.62
N SER C 297 -23.74 9.85 -24.75
CA SER C 297 -25.13 9.80 -25.19
C SER C 297 -25.66 11.16 -25.65
N LEU C 298 -24.87 12.22 -25.52
CA LEU C 298 -25.29 13.55 -25.93
C LEU C 298 -24.65 13.91 -27.27
N ALA C 299 -25.29 14.85 -27.97
CA ALA C 299 -24.71 15.51 -29.14
C ALA C 299 -24.35 14.53 -30.23
N ALA C 300 -25.12 13.44 -30.35
CA ALA C 300 -24.86 12.38 -31.32
C ALA C 300 -23.45 11.79 -31.17
N GLY C 301 -22.91 11.83 -29.95
CA GLY C 301 -21.59 11.29 -29.69
C GLY C 301 -20.44 12.21 -29.98
N ARG C 302 -20.70 13.49 -30.23
CA ARG C 302 -19.66 14.46 -30.57
C ARG C 302 -19.12 15.06 -29.28
N VAL C 303 -18.09 14.41 -28.73
CA VAL C 303 -17.50 14.78 -27.45
C VAL C 303 -16.01 15.03 -27.68
N LEU C 304 -15.51 16.16 -27.18
CA LEU C 304 -14.08 16.47 -27.19
C LEU C 304 -13.61 16.62 -25.75
N ILE C 305 -12.68 15.75 -25.35
CA ILE C 305 -12.12 15.75 -24.00
C ILE C 305 -10.81 16.53 -23.99
N ILE C 306 -10.77 17.61 -23.23
CA ILE C 306 -9.64 18.54 -23.20
C ILE C 306 -9.02 18.44 -21.81
N LEU C 307 -7.74 18.07 -21.76
CA LEU C 307 -7.06 17.97 -20.48
C LEU C 307 -6.99 19.35 -19.80
N GLU C 308 -7.35 19.37 -18.52
CA GLU C 308 -7.15 20.54 -17.69
C GLU C 308 -6.08 20.24 -16.65
N GLY C 309 -6.46 20.20 -15.38
CA GLY C 309 -5.53 19.87 -14.32
C GLY C 309 -5.44 18.38 -14.08
N GLY C 310 -4.88 18.04 -12.93
CA GLY C 310 -4.58 16.66 -12.59
C GLY C 310 -3.07 16.52 -12.42
N TYR C 311 -2.63 16.15 -11.22
CA TYR C 311 -1.23 16.33 -10.87
C TYR C 311 -0.53 15.07 -10.39
N ASN C 312 -1.25 13.97 -10.14
CA ASN C 312 -0.61 12.70 -9.85
C ASN C 312 -0.44 11.98 -11.17
N LEU C 313 0.81 11.81 -11.61
CA LEU C 313 1.08 11.35 -12.96
C LEU C 313 0.50 9.97 -13.21
N THR C 314 0.58 9.09 -12.21
CA THR C 314 -0.01 7.76 -12.34
C THR C 314 -1.54 7.84 -12.41
N SER C 315 -2.14 8.70 -11.59
N SER C 315 -2.14 8.71 -11.60
CA SER C 315 -3.60 8.77 -11.54
CA SER C 315 -3.60 8.76 -11.55
C SER C 315 -4.17 9.39 -12.82
C SER C 315 -4.19 9.40 -12.80
N ILE C 316 -3.52 10.43 -13.35
CA ILE C 316 -4.03 11.09 -14.55
C ILE C 316 -3.85 10.20 -15.78
N SER C 317 -2.76 9.43 -15.83
CA SER C 317 -2.51 8.56 -16.98
C SER C 317 -3.56 7.48 -17.08
N GLU C 318 -3.88 6.84 -15.95
CA GLU C 318 -4.90 5.81 -15.94
C GLU C 318 -6.28 6.40 -16.21
N SER C 319 -6.57 7.57 -15.63
CA SER C 319 -7.91 8.15 -15.76
C SER C 319 -8.19 8.59 -17.20
N MET C 320 -7.27 9.33 -17.81
CA MET C 320 -7.50 9.79 -19.18
C MET C 320 -7.55 8.62 -20.16
N SER C 321 -6.68 7.62 -19.96
CA SER C 321 -6.73 6.43 -20.80
C SER C 321 -8.08 5.72 -20.69
N MET C 322 -8.71 5.78 -19.52
N MET C 322 -8.71 5.78 -19.52
CA MET C 322 -10.05 5.21 -19.38
CA MET C 322 -10.04 5.22 -19.34
C MET C 322 -11.08 6.01 -20.16
C MET C 322 -11.08 6.02 -20.12
N CYS C 323 -10.88 7.33 -20.27
CA CYS C 323 -11.82 8.14 -21.05
C CYS C 323 -11.70 7.82 -22.54
N THR C 324 -10.46 7.73 -23.04
CA THR C 324 -10.26 7.39 -24.45
C THR C 324 -10.82 6.00 -24.74
N SER C 325 -10.61 5.06 -23.82
CA SER C 325 -11.18 3.73 -23.96
C SER C 325 -12.70 3.79 -24.14
N MET C 326 -13.38 4.64 -23.36
CA MET C 326 -14.81 4.81 -23.55
C MET C 326 -15.12 5.39 -24.92
N LEU C 327 -14.38 6.43 -25.32
CA LEU C 327 -14.61 7.04 -26.62
C LEU C 327 -14.47 6.03 -27.75
N LEU C 328 -13.55 5.08 -27.61
CA LEU C 328 -13.34 4.05 -28.63
C LEU C 328 -14.44 3.00 -28.62
N GLY C 329 -15.36 3.06 -27.67
CA GLY C 329 -16.50 2.18 -27.60
C GLY C 329 -16.37 1.01 -26.65
N ASP C 330 -15.31 0.97 -25.84
CA ASP C 330 -15.16 -0.13 -24.89
C ASP C 330 -16.21 0.00 -23.80
N SER C 331 -16.67 -1.16 -23.32
N SER C 331 -16.67 -1.16 -23.32
CA SER C 331 -17.69 -1.16 -22.28
CA SER C 331 -17.69 -1.16 -22.27
C SER C 331 -17.09 -0.63 -20.97
C SER C 331 -17.11 -0.64 -20.96
N PRO C 332 -17.84 0.19 -20.23
CA PRO C 332 -17.33 0.73 -18.97
C PRO C 332 -17.09 -0.37 -17.95
N PRO C 333 -15.99 -0.30 -17.21
CA PRO C 333 -15.71 -1.33 -16.21
C PRO C 333 -16.70 -1.18 -15.06
N SER C 334 -16.88 -2.26 -14.30
CA SER C 334 -17.82 -2.21 -13.20
C SER C 334 -17.31 -1.26 -12.12
N LEU C 335 -18.26 -0.52 -11.53
CA LEU C 335 -18.00 0.39 -10.44
C LEU C 335 -17.91 -0.34 -9.11
N ASP C 336 -16.82 -0.11 -8.40
CA ASP C 336 -16.54 -0.66 -7.07
C ASP C 336 -17.71 -0.50 -6.09
N THR C 339 -19.55 2.40 -1.64
CA THR C 339 -19.73 3.34 -0.55
C THR C 339 -21.07 4.07 -0.66
N PRO C 340 -21.77 4.11 0.46
CA PRO C 340 -23.03 4.85 0.58
C PRO C 340 -22.78 6.30 0.24
N LEU C 341 -23.74 6.95 -0.40
CA LEU C 341 -23.42 8.34 -0.69
C LEU C 341 -23.48 9.13 0.62
N LYS C 342 -22.50 10.03 0.75
CA LYS C 342 -22.44 11.11 1.74
C LYS C 342 -23.60 12.09 1.81
N THR C 343 -23.97 12.41 3.05
CA THR C 343 -25.08 13.29 3.37
C THR C 343 -24.90 14.67 2.72
N SER C 344 -23.67 15.19 2.80
CA SER C 344 -23.33 16.53 2.29
C SER C 344 -23.43 16.64 0.78
N ALA C 345 -23.33 15.53 0.05
CA ALA C 345 -23.48 15.61 -1.40
C ALA C 345 -24.94 15.83 -1.77
N THR C 346 -25.84 15.16 -1.06
CA THR C 346 -27.27 15.42 -1.21
C THR C 346 -27.63 16.86 -0.90
N VAL C 347 -27.05 17.44 0.17
CA VAL C 347 -27.32 18.83 0.48
C VAL C 347 -26.92 19.74 -0.67
N SER C 348 -25.72 19.52 -1.23
CA SER C 348 -25.26 20.33 -2.35
C SER C 348 -26.16 20.19 -3.57
N ILE C 349 -26.47 18.94 -3.93
CA ILE C 349 -27.32 18.66 -5.09
C ILE C 349 -28.69 19.33 -4.94
N ASN C 350 -29.28 19.25 -3.75
CA ASN C 350 -30.60 19.85 -3.54
C ASN C 350 -30.56 21.37 -3.62
N ASN C 351 -29.45 21.99 -3.21
CA ASN C 351 -29.32 23.43 -3.36
C ASN C 351 -29.30 23.82 -4.84
N VAL C 352 -28.57 23.08 -5.67
CA VAL C 352 -28.54 23.37 -7.10
C VAL C 352 -29.91 23.15 -7.72
N LEU C 353 -30.60 22.07 -7.31
CA LEU C 353 -31.94 21.81 -7.82
C LEU C 353 -32.89 22.97 -7.53
N ARG C 354 -32.95 23.42 -6.28
CA ARG C 354 -33.83 24.52 -5.91
C ARG C 354 -33.51 25.80 -6.65
N ALA C 355 -32.28 25.98 -7.12
CA ALA C 355 -31.88 27.17 -7.86
C ALA C 355 -32.19 27.07 -9.35
N HIS C 356 -32.13 25.86 -9.92
CA HIS C 356 -32.26 25.69 -11.36
C HIS C 356 -33.59 25.09 -11.81
N ALA C 357 -34.40 24.56 -10.89
CA ALA C 357 -35.74 24.09 -11.23
C ALA C 357 -36.59 25.16 -11.93
N PRO C 358 -36.46 26.45 -11.59
CA PRO C 358 -37.23 27.46 -12.34
C PRO C 358 -36.90 27.54 -13.82
N PHE C 359 -35.71 27.06 -14.24
CA PHE C 359 -35.26 27.23 -15.61
C PHE C 359 -35.32 25.98 -16.45
N TRP C 360 -35.46 24.81 -15.84
CA TRP C 360 -35.34 23.52 -16.51
C TRP C 360 -36.50 22.65 -16.09
N SER C 361 -37.43 22.40 -17.02
CA SER C 361 -38.60 21.58 -16.73
CA SER C 361 -38.59 21.57 -16.71
C SER C 361 -38.22 20.16 -16.34
N SER C 362 -37.03 19.69 -16.74
CA SER C 362 -36.60 18.34 -16.40
C SER C 362 -36.20 18.17 -14.94
N LEU C 363 -35.96 19.25 -14.20
CA LEU C 363 -35.56 19.05 -12.81
C LEU C 363 -36.70 19.23 -11.82
N ARG C 364 -37.87 19.69 -12.27
CA ARG C 364 -38.96 19.95 -11.33
C ARG C 364 -39.90 18.74 -11.32
ZN ZN D . 0.36 -6.97 21.48
K K E . -4.41 -12.27 21.29
K K F . -6.30 -24.78 27.34
C02 K70 G . 3.55 -6.39 22.25
C05 K70 G . 4.81 -6.47 21.36
C06 K70 G . 4.89 -5.75 20.14
C07 K70 G . 6.05 -5.81 19.30
C08 K70 G . 7.19 -6.60 19.66
C09 K70 G . 8.44 -6.66 18.75
C11 K70 G . 8.85 -4.21 18.42
C12 K70 G . 9.60 -4.21 19.67
C13 K70 G . 9.93 -3.00 20.34
C14 K70 G . 9.50 -1.77 19.80
C15 K70 G . 8.75 -1.74 18.58
C16 K70 G . 8.43 -2.97 17.91
C18 K70 G . 7.58 -4.76 15.63
C19 K70 G . 7.15 -5.13 14.31
C20 K70 G . 7.28 -6.50 13.88
C21 K70 G . 7.84 -7.44 14.79
C23 K70 G . 8.12 -5.75 16.49
C24 K70 G . 7.12 -7.32 20.88
C25 K70 G . 5.94 -7.26 21.71
N03 K70 G . 2.37 -5.70 21.87
N10 K70 G . 8.57 -5.49 17.81
N22 K70 G . 8.23 -7.07 16.03
O01 K70 G . 3.58 -6.98 23.37
O04 K70 G . 1.27 -5.69 22.76
S17 K70 G . 7.49 -3.09 16.34
ZN ZN H . 14.18 -10.88 -17.90
K K I . 14.42 -16.29 -13.34
K K J . 24.10 -23.69 -6.29
C02 K70 K . 16.23 -9.46 -20.14
C05 K70 K . 16.47 -9.66 -21.67
C06 K70 K . 15.40 -9.97 -22.54
C07 K70 K . 15.60 -10.14 -23.95
C08 K70 K . 16.87 -10.00 -24.54
C09 K70 K . 17.08 -10.18 -26.07
C11 K70 K . 15.34 -8.59 -26.89
C12 K70 K . 16.30 -7.51 -26.81
C13 K70 K . 15.90 -6.15 -26.80
C14 K70 K . 14.52 -5.82 -26.87
C15 K70 K . 13.55 -6.87 -26.96
C16 K70 K . 13.97 -8.25 -26.97
C18 K70 K . 13.77 -11.22 -27.47
C19 K70 K . 13.19 -12.46 -27.90
C20 K70 K . 14.05 -13.58 -28.18
C21 K70 K . 15.44 -13.42 -28.01
C23 K70 K . 15.17 -11.12 -27.32
C24 K70 K . 17.96 -9.67 -23.68
C25 K70 K . 17.75 -9.51 -22.26
N03 K70 K . 14.97 -9.09 -19.60
N10 K70 K . 15.83 -9.94 -26.90
N22 K70 K . 15.98 -12.24 -27.60
O01 K70 K . 17.19 -9.62 -19.35
O04 K70 K . 14.84 -8.92 -18.18
S17 K70 K . 12.84 -9.70 -27.07
ZN ZN L . -7.93 22.04 -11.29
K K M . -14.85 22.25 -12.53
K K N . -23.83 30.14 -20.00
C02 K70 O . -5.09 23.97 -10.98
C05 K70 O . -4.55 24.86 -9.84
C06 K70 O . -4.22 24.32 -8.58
C07 K70 O . -3.71 25.14 -7.51
C08 K70 O . -3.52 26.53 -7.68
C09 K70 O . -2.97 27.42 -6.53
C11 K70 O . -1.16 25.89 -5.72
C12 K70 O . -0.33 26.37 -6.82
C13 K70 O . 0.85 25.68 -7.21
C14 K70 O . 1.24 24.51 -6.54
C15 K70 O . 0.44 24.01 -5.46
C16 K70 O . -0.76 24.71 -5.06
C18 K70 O . -3.05 25.53 -3.27
C19 K70 O . -3.88 25.56 -2.10
C20 K70 O . -4.77 26.68 -1.90
C21 K70 O . -4.78 27.71 -2.87
C23 K70 O . -3.12 26.59 -4.21
C24 K70 O . -3.85 27.08 -8.95
C25 K70 O . -4.35 26.26 -10.01
N03 K70 O . -5.56 22.64 -10.77
N10 K70 O . -2.34 26.64 -5.39
N22 K70 O . -3.99 27.66 -3.98
O01 K70 O . -5.10 24.42 -12.15
O04 K70 O . -6.02 21.89 -11.87
S17 K70 O . -1.88 24.19 -3.69
#